data_8JBJ
#
_entry.id   8JBJ
#
_cell.length_a   64.268
_cell.length_b   76.408
_cell.length_c   192.424
_cell.angle_alpha   90.00
_cell.angle_beta   90.00
_cell.angle_gamma   90.00
#
_symmetry.space_group_name_H-M   'P 21 21 21'
#
loop_
_entity.id
_entity.type
_entity.pdbx_description
1 polymer 'antibody heavy chain'
2 polymer 'antibody light chain'
3 water water
#
loop_
_entity_poly.entity_id
_entity_poly.type
_entity_poly.pdbx_seq_one_letter_code
_entity_poly.pdbx_strand_id
1 'polypeptide(L)'
;EVQLVQSGAEVKKPGASVKVSCKASGYTFTDYWIYWVRQAPGQGLEWMGTIDTSDHKTSYNQKFRGRVTMTRDTSTSTVY
MELSSLRSEDTAVYYCARDFIITVNYPVVDYWGQGTLVTVSSASTKGPSVFPLAPSSKSTSGGTAALGCLVKDYFPEPVT
VSWNSGALTSGVHTFPAVLQSSGLYSLSSVVTVPSSSLGTQTYICNVNHKPSNTKVDKKVEPKSCHHHHHH
;
A,C
2 'polypeptide(L)'
;QIVLTQSPATLSLSPGERATLSCSAGSSVNYMHWFQQKPGQAPRLLIYSTSNLASGVPARFSGSGSGTDYTLTISSLEPE
DFAVYYCQQRSSLPFTFGQGTKLEIKRTVAAPSVFIFPPSDEQLKSGTASVVCLLNNFYPREAKVQWKVDNALQSGNSQE
SVTEQDSKDSTYSLSSTLTLSKADYEKHKVYACEVTHQGLSSPVTKSFNRGEC
;
B,D
#
# COMPACT_ATOMS: atom_id res chain seq x y z
N GLU A 1 -0.10 -14.43 -44.80
CA GLU A 1 -0.03 -13.62 -43.60
C GLU A 1 -1.37 -12.91 -43.34
N VAL A 2 -1.87 -13.00 -42.12
CA VAL A 2 -3.11 -12.30 -41.75
C VAL A 2 -2.82 -10.82 -41.53
N GLN A 3 -3.63 -9.96 -42.16
CA GLN A 3 -3.52 -8.52 -42.00
C GLN A 3 -4.90 -7.88 -41.86
N LEU A 4 -5.02 -6.94 -40.93
CA LEU A 4 -6.17 -6.03 -40.83
C LEU A 4 -5.64 -4.62 -41.03
N VAL A 5 -6.00 -4.00 -42.15
CA VAL A 5 -5.47 -2.69 -42.53
C VAL A 5 -6.59 -1.68 -42.54
N GLN A 6 -6.47 -0.65 -41.71
CA GLN A 6 -7.49 0.39 -41.57
C GLN A 6 -7.20 1.61 -42.42
N SER A 7 -8.24 2.41 -42.66
CA SER A 7 -8.08 3.66 -43.40
C SER A 7 -7.34 4.69 -42.54
N GLY A 8 -6.94 5.78 -43.19
CA GLY A 8 -6.08 6.75 -42.56
C GLY A 8 -6.80 7.71 -41.63
N ALA A 9 -6.01 8.56 -40.98
CA ALA A 9 -6.51 9.50 -39.99
C ALA A 9 -7.58 10.43 -40.57
N GLU A 10 -8.56 10.76 -39.74
CA GLU A 10 -9.66 11.63 -40.13
C GLU A 10 -9.74 12.85 -39.22
N VAL A 11 -10.17 13.97 -39.80
CA VAL A 11 -10.45 15.20 -39.06
C VAL A 11 -11.85 15.67 -39.47
N LYS A 12 -12.74 15.83 -38.48
CA LYS A 12 -14.15 16.10 -38.70
C LYS A 12 -14.64 17.21 -37.80
N LYS A 13 -15.66 17.95 -38.27
CA LYS A 13 -16.35 18.94 -37.45
C LYS A 13 -17.43 18.27 -36.62
N PRO A 14 -17.76 18.81 -35.44
CA PRO A 14 -18.92 18.31 -34.69
C PRO A 14 -20.18 18.27 -35.54
N GLY A 15 -20.93 17.19 -35.41
CA GLY A 15 -22.13 16.97 -36.17
C GLY A 15 -21.94 16.13 -37.41
N ALA A 16 -20.72 16.07 -37.94
CA ALA A 16 -20.46 15.26 -39.12
C ALA A 16 -20.41 13.77 -38.75
N SER A 17 -20.22 12.94 -39.77
CA SER A 17 -20.04 11.49 -39.60
C SER A 17 -18.68 11.08 -40.12
N VAL A 18 -18.21 9.92 -39.65
CA VAL A 18 -16.97 9.34 -40.13
C VAL A 18 -17.23 7.87 -40.39
N LYS A 19 -16.59 7.33 -41.41
CA LYS A 19 -16.71 5.91 -41.76
C LYS A 19 -15.32 5.35 -41.93
N VAL A 20 -14.91 4.45 -41.04
CA VAL A 20 -13.58 3.87 -41.01
C VAL A 20 -13.63 2.48 -41.61
N SER A 21 -12.66 2.18 -42.49
CA SER A 21 -12.61 0.86 -43.11
C SER A 21 -11.58 -0.04 -42.42
N CYS A 22 -11.85 -1.34 -42.45
CA CYS A 22 -10.99 -2.39 -41.88
C CYS A 22 -10.93 -3.48 -42.94
N LYS A 23 -9.80 -3.54 -43.64
CA LYS A 23 -9.63 -4.43 -44.78
C LYS A 23 -8.87 -5.68 -44.35
N ALA A 24 -9.52 -6.83 -44.47
CA ALA A 24 -8.98 -8.10 -44.01
C ALA A 24 -8.40 -8.90 -45.17
N SER A 25 -7.30 -9.59 -44.91
CA SER A 25 -6.70 -10.47 -45.92
C SER A 25 -5.92 -11.56 -45.21
N GLY A 26 -5.64 -12.64 -45.95
CA GLY A 26 -4.84 -13.73 -45.43
C GLY A 26 -5.58 -14.78 -44.64
N TYR A 27 -6.91 -14.75 -44.61
CA TYR A 27 -7.73 -15.75 -43.95
C TYR A 27 -9.13 -15.65 -44.53
N THR A 28 -9.97 -16.61 -44.15
CA THR A 28 -11.33 -16.69 -44.68
C THR A 28 -12.18 -15.63 -43.99
N PHE A 29 -12.50 -14.57 -44.74
CA PHE A 29 -13.17 -13.40 -44.17
C PHE A 29 -14.44 -13.76 -43.41
N THR A 30 -15.26 -14.65 -43.99
CA THR A 30 -16.55 -14.96 -43.38
C THR A 30 -16.46 -15.93 -42.20
N ASP A 31 -15.27 -16.38 -41.82
CA ASP A 31 -15.15 -17.33 -40.72
C ASP A 31 -15.01 -16.67 -39.34
N TYR A 32 -14.80 -15.35 -39.27
CA TYR A 32 -14.59 -14.68 -38.00
C TYR A 32 -15.42 -13.40 -37.93
N TRP A 33 -16.05 -13.15 -36.78
CA TRP A 33 -16.62 -11.83 -36.55
C TRP A 33 -15.49 -10.80 -36.40
N ILE A 34 -15.82 -9.53 -36.62
CA ILE A 34 -14.91 -8.41 -36.39
C ILE A 34 -15.55 -7.52 -35.33
N TYR A 35 -14.73 -7.00 -34.41
CA TYR A 35 -15.25 -6.06 -33.43
C TYR A 35 -14.40 -4.80 -33.41
N TRP A 36 -14.92 -3.75 -32.76
CA TRP A 36 -14.26 -2.45 -32.72
C TRP A 36 -14.14 -1.97 -31.28
N VAL A 37 -13.00 -1.33 -31.01
CA VAL A 37 -12.66 -0.77 -29.71
C VAL A 37 -12.05 0.61 -29.94
N ARG A 38 -12.40 1.57 -29.09
CA ARG A 38 -11.75 2.86 -29.23
C ARG A 38 -11.05 3.26 -27.94
N GLN A 39 -10.11 4.19 -28.08
CA GLN A 39 -9.28 4.68 -26.97
C GLN A 39 -9.06 6.18 -27.14
N ALA A 40 -9.67 6.97 -26.28
CA ALA A 40 -9.41 8.40 -26.27
C ALA A 40 -7.99 8.66 -25.78
N PRO A 41 -7.36 9.76 -26.21
CA PRO A 41 -5.95 9.99 -25.85
C PRO A 41 -5.74 9.94 -24.35
N GLY A 42 -4.80 9.10 -23.92
CA GLY A 42 -4.49 8.92 -22.52
C GLY A 42 -5.49 8.14 -21.69
N GLN A 43 -6.53 7.59 -22.30
CA GLN A 43 -7.62 6.92 -21.60
C GLN A 43 -7.56 5.42 -21.85
N GLY A 44 -8.55 4.70 -21.32
CA GLY A 44 -8.62 3.26 -21.46
C GLY A 44 -9.35 2.82 -22.71
N LEU A 45 -9.76 1.56 -22.71
CA LEU A 45 -10.40 0.93 -23.87
C LEU A 45 -11.92 0.86 -23.70
N GLU A 46 -12.64 1.12 -24.80
CA GLU A 46 -14.11 1.09 -24.82
C GLU A 46 -14.55 0.21 -25.99
N TRP A 47 -15.32 -0.83 -25.69
CA TRP A 47 -15.88 -1.70 -26.72
C TRP A 47 -17.06 -1.02 -27.41
N MET A 48 -17.06 -1.04 -28.74
CA MET A 48 -18.10 -0.37 -29.52
C MET A 48 -19.17 -1.30 -30.06
N GLY A 49 -18.80 -2.50 -30.47
CA GLY A 49 -19.72 -3.46 -31.02
C GLY A 49 -19.01 -4.46 -31.88
N THR A 50 -19.81 -5.36 -32.47
CA THR A 50 -19.26 -6.47 -33.23
C THR A 50 -20.18 -6.81 -34.39
N ILE A 51 -19.61 -7.35 -35.46
CA ILE A 51 -20.38 -7.72 -36.65
C ILE A 51 -20.01 -9.13 -37.10
N ASP A 52 -21.03 -9.91 -37.43
CA ASP A 52 -20.89 -11.23 -38.05
C ASP A 52 -20.69 -11.01 -39.55
N THR A 53 -19.51 -11.37 -40.05
CA THR A 53 -19.16 -11.14 -41.45
C THR A 53 -19.89 -12.09 -42.41
N SER A 54 -20.51 -13.15 -41.92
CA SER A 54 -21.25 -14.03 -42.81
C SER A 54 -22.65 -13.49 -43.11
N ASP A 55 -23.43 -13.13 -42.09
CA ASP A 55 -24.84 -12.78 -42.32
C ASP A 55 -25.22 -11.37 -41.90
N HIS A 56 -24.27 -10.51 -41.52
CA HIS A 56 -24.49 -9.10 -41.19
C HIS A 56 -25.16 -8.86 -39.84
N LYS A 57 -25.40 -9.89 -39.02
CA LYS A 57 -25.80 -9.69 -37.62
C LYS A 57 -24.83 -8.76 -36.91
N THR A 58 -25.35 -7.95 -35.98
CA THR A 58 -24.52 -7.01 -35.21
C THR A 58 -25.01 -6.93 -33.78
N SER A 59 -24.13 -6.47 -32.89
CA SER A 59 -24.47 -6.05 -31.53
C SER A 59 -23.60 -4.85 -31.18
N TYR A 60 -24.18 -3.83 -30.56
CA TYR A 60 -23.44 -2.60 -30.26
C TYR A 60 -23.52 -2.28 -28.77
N ASN A 61 -22.57 -1.44 -28.35
CA ASN A 61 -22.62 -0.82 -27.03
C ASN A 61 -23.69 0.26 -27.06
N GLN A 62 -24.75 0.09 -26.25
CA GLN A 62 -25.88 1.01 -26.32
C GLN A 62 -25.54 2.41 -25.85
N LYS A 63 -24.37 2.62 -25.23
CA LYS A 63 -23.97 3.98 -24.88
C LYS A 63 -23.87 4.88 -26.10
N PHE A 64 -23.62 4.31 -27.28
CA PHE A 64 -23.52 5.09 -28.49
C PHE A 64 -24.87 5.43 -29.12
N ARG A 65 -25.97 4.93 -28.58
CA ARG A 65 -27.32 5.43 -28.89
C ARG A 65 -27.59 5.47 -30.40
N GLY A 66 -27.29 4.38 -31.09
CA GLY A 66 -27.59 4.34 -32.50
C GLY A 66 -26.70 5.17 -33.39
N ARG A 67 -25.61 5.75 -32.85
CA ARG A 67 -24.68 6.49 -33.69
C ARG A 67 -23.68 5.60 -34.40
N VAL A 68 -23.56 4.33 -34.00
CA VAL A 68 -22.58 3.40 -34.57
C VAL A 68 -23.31 2.42 -35.48
N THR A 69 -22.82 2.29 -36.71
CA THR A 69 -23.32 1.30 -37.65
C THR A 69 -22.14 0.55 -38.24
N MET A 70 -22.16 -0.78 -38.14
CA MET A 70 -21.13 -1.63 -38.73
C MET A 70 -21.70 -2.37 -39.92
N THR A 71 -20.94 -2.40 -41.02
CA THR A 71 -21.33 -3.05 -42.25
C THR A 71 -20.16 -3.87 -42.77
N ARG A 72 -20.42 -4.68 -43.79
CA ARG A 72 -19.38 -5.53 -44.34
C ARG A 72 -19.64 -5.78 -45.82
N ASP A 73 -18.55 -5.88 -46.57
CA ASP A 73 -18.56 -6.13 -48.01
C ASP A 73 -17.75 -7.40 -48.26
N THR A 74 -18.44 -8.51 -48.58
CA THR A 74 -17.73 -9.76 -48.81
C THR A 74 -16.94 -9.72 -50.10
N SER A 75 -17.40 -8.94 -51.10
CA SER A 75 -16.67 -8.84 -52.36
C SER A 75 -15.27 -8.28 -52.15
N THR A 76 -15.08 -7.44 -51.12
CA THR A 76 -13.80 -6.80 -50.89
C THR A 76 -13.17 -7.16 -49.54
N SER A 77 -13.80 -8.04 -48.76
CA SER A 77 -13.29 -8.45 -47.45
C SER A 77 -13.01 -7.23 -46.56
N THR A 78 -13.97 -6.31 -46.51
CA THR A 78 -13.81 -5.08 -45.74
C THR A 78 -14.99 -4.92 -44.79
N VAL A 79 -14.70 -4.51 -43.56
CA VAL A 79 -15.72 -4.12 -42.58
C VAL A 79 -15.62 -2.61 -42.38
N TYR A 80 -16.76 -1.95 -42.25
CA TYR A 80 -16.80 -0.51 -42.04
C TYR A 80 -17.47 -0.21 -40.71
N MET A 81 -16.97 0.83 -40.03
CA MET A 81 -17.60 1.37 -38.85
C MET A 81 -17.91 2.84 -39.11
N GLU A 82 -19.20 3.20 -39.08
CA GLU A 82 -19.63 4.57 -39.22
C GLU A 82 -20.10 5.08 -37.88
N LEU A 83 -19.56 6.24 -37.47
CA LEU A 83 -19.98 6.92 -36.24
C LEU A 83 -20.56 8.28 -36.63
N SER A 84 -21.82 8.49 -36.33
CA SER A 84 -22.54 9.67 -36.79
C SER A 84 -22.67 10.70 -35.68
N SER A 85 -23.10 11.91 -36.06
CA SER A 85 -23.36 13.02 -35.13
C SER A 85 -22.18 13.20 -34.16
N LEU A 86 -21.00 13.39 -34.73
CA LEU A 86 -19.77 13.38 -33.95
C LEU A 86 -19.72 14.53 -32.97
N ARG A 87 -19.09 14.28 -31.83
CA ARG A 87 -18.84 15.27 -30.79
C ARG A 87 -17.36 15.28 -30.46
N SER A 88 -16.90 16.35 -29.82
CA SER A 88 -15.47 16.45 -29.54
C SER A 88 -14.97 15.28 -28.68
N GLU A 89 -15.81 14.77 -27.77
CA GLU A 89 -15.39 13.64 -26.95
C GLU A 89 -15.30 12.33 -27.72
N ASP A 90 -15.66 12.29 -29.01
CA ASP A 90 -15.39 11.11 -29.85
C ASP A 90 -13.97 11.07 -30.41
N THR A 91 -13.16 12.11 -30.18
CA THR A 91 -11.76 12.07 -30.60
C THR A 91 -11.05 10.89 -29.92
N ALA A 92 -10.49 10.00 -30.73
CA ALA A 92 -9.96 8.73 -30.20
C ALA A 92 -9.25 8.02 -31.34
N VAL A 93 -8.47 7.00 -30.97
CA VAL A 93 -7.99 6.00 -31.94
C VAL A 93 -9.00 4.87 -31.96
N TYR A 94 -9.45 4.51 -33.16
CA TYR A 94 -10.46 3.49 -33.37
C TYR A 94 -9.79 2.26 -33.95
N TYR A 95 -9.97 1.11 -33.30
CA TYR A 95 -9.34 -0.15 -33.69
C TYR A 95 -10.38 -1.15 -34.13
N CYS A 96 -10.09 -1.84 -35.22
CA CYS A 96 -10.80 -3.08 -35.50
C CYS A 96 -9.95 -4.28 -35.10
N ALA A 97 -10.62 -5.37 -34.76
CA ALA A 97 -9.96 -6.58 -34.30
C ALA A 97 -10.69 -7.80 -34.81
N ARG A 98 -9.95 -8.87 -35.11
CA ARG A 98 -10.57 -10.14 -35.46
C ARG A 98 -11.04 -10.83 -34.19
N ASP A 99 -12.32 -11.22 -34.15
CA ASP A 99 -12.80 -11.93 -32.98
C ASP A 99 -12.23 -13.35 -32.94
N PHE A 100 -12.47 -14.01 -31.81
CA PHE A 100 -11.97 -15.36 -31.56
C PHE A 100 -13.04 -16.15 -30.83
N ILE A 101 -12.96 -17.48 -30.95
CA ILE A 101 -13.87 -18.39 -30.25
C ILE A 101 -13.03 -19.19 -29.27
N ILE A 102 -13.40 -19.14 -27.99
CA ILE A 102 -12.55 -19.67 -26.93
C ILE A 102 -12.59 -21.19 -26.84
N THR A 103 -13.53 -21.85 -27.51
CA THR A 103 -13.68 -23.30 -27.43
C THR A 103 -12.98 -24.03 -28.57
N VAL A 104 -11.97 -23.43 -29.19
CA VAL A 104 -11.31 -24.06 -30.33
C VAL A 104 -10.27 -25.09 -29.84
N ASN A 105 -9.94 -26.01 -30.74
CA ASN A 105 -8.97 -27.09 -30.49
C ASN A 105 -7.55 -26.60 -30.30
N TYR A 106 -7.28 -25.34 -30.61
CA TYR A 106 -5.92 -24.81 -30.67
C TYR A 106 -5.88 -23.44 -29.98
N PRO A 107 -4.68 -22.88 -29.73
CA PRO A 107 -4.62 -21.54 -29.14
C PRO A 107 -5.16 -20.47 -30.08
N VAL A 108 -5.97 -19.56 -29.51
CA VAL A 108 -6.41 -18.36 -30.22
C VAL A 108 -5.22 -17.66 -30.85
N VAL A 109 -5.36 -17.25 -32.12
CA VAL A 109 -4.35 -16.43 -32.78
C VAL A 109 -4.97 -15.05 -32.98
N ASP A 110 -4.40 -14.05 -32.32
CA ASP A 110 -5.00 -12.74 -32.17
C ASP A 110 -4.49 -11.76 -33.23
N TYR A 111 -5.41 -10.99 -33.82
CA TYR A 111 -5.06 -10.02 -34.85
C TYR A 111 -5.87 -8.73 -34.70
N TRP A 112 -5.17 -7.60 -34.84
CA TRP A 112 -5.74 -6.25 -34.71
C TRP A 112 -5.34 -5.40 -35.90
N GLY A 113 -6.20 -4.45 -36.27
CA GLY A 113 -5.79 -3.39 -37.15
C GLY A 113 -4.80 -2.44 -36.47
N GLN A 114 -4.24 -1.54 -37.28
CA GLN A 114 -3.24 -0.61 -36.76
C GLN A 114 -3.86 0.62 -36.08
N GLY A 115 -5.18 0.77 -36.14
CA GLY A 115 -5.83 1.93 -35.53
C GLY A 115 -5.99 3.07 -36.50
N THR A 116 -7.06 3.83 -36.30
CA THR A 116 -7.37 5.05 -37.06
C THR A 116 -7.65 6.19 -36.08
N LEU A 117 -6.85 7.24 -36.15
CA LEU A 117 -7.11 8.43 -35.35
C LEU A 117 -8.24 9.25 -35.97
N VAL A 118 -9.26 9.55 -35.18
CA VAL A 118 -10.33 10.45 -35.59
C VAL A 118 -10.29 11.64 -34.66
N THR A 119 -10.08 12.84 -35.22
CA THR A 119 -10.12 14.09 -34.47
C THR A 119 -11.42 14.81 -34.79
N VAL A 120 -12.21 15.14 -33.75
CA VAL A 120 -13.45 15.89 -33.90
C VAL A 120 -13.26 17.25 -33.24
N SER A 121 -13.36 18.31 -34.05
CA SER A 121 -13.08 19.66 -33.57
C SER A 121 -13.71 20.68 -34.52
N SER A 122 -14.07 21.84 -33.97
CA SER A 122 -14.47 22.95 -34.81
C SER A 122 -13.27 23.78 -35.30
N ALA A 123 -12.07 23.47 -34.83
CA ALA A 123 -10.89 24.23 -35.22
C ALA A 123 -10.57 24.02 -36.70
N SER A 124 -9.90 25.02 -37.27
CA SER A 124 -9.41 24.99 -38.64
C SER A 124 -7.91 24.65 -38.65
N THR A 125 -7.49 24.06 -39.76
CA THR A 125 -6.08 23.75 -39.97
C THR A 125 -5.22 25.00 -39.78
N LYS A 126 -4.13 24.85 -39.02
CA LYS A 126 -3.26 25.97 -38.68
C LYS A 126 -1.87 25.44 -38.39
N GLY A 127 -0.85 26.05 -39.00
CA GLY A 127 0.52 25.69 -38.70
C GLY A 127 0.99 26.33 -37.40
N PRO A 128 2.02 25.77 -36.78
CA PRO A 128 2.47 26.26 -35.48
C PRO A 128 3.34 27.49 -35.59
N SER A 129 3.38 28.24 -34.48
CA SER A 129 4.45 29.20 -34.24
C SER A 129 5.52 28.49 -33.43
N VAL A 130 6.79 28.79 -33.72
CA VAL A 130 7.89 28.10 -33.07
C VAL A 130 8.74 29.12 -32.32
N PHE A 131 8.82 28.97 -31.00
CA PHE A 131 9.50 29.95 -30.17
C PHE A 131 10.67 29.30 -29.45
N PRO A 132 11.76 30.04 -29.20
CA PRO A 132 12.92 29.46 -28.51
C PRO A 132 12.70 29.31 -27.02
N LEU A 133 13.15 28.18 -26.48
CA LEU A 133 13.36 27.96 -25.05
C LEU A 133 14.86 28.16 -24.83
N ALA A 134 15.23 29.42 -24.48
CA ALA A 134 16.64 29.79 -24.60
C ALA A 134 17.41 29.35 -23.35
N PRO A 135 18.62 28.82 -23.52
CA PRO A 135 19.43 28.45 -22.34
C PRO A 135 19.98 29.69 -21.64
N SER A 136 20.24 29.54 -20.35
CA SER A 136 20.88 30.60 -19.61
C SER A 136 22.25 30.90 -20.21
N SER A 137 22.61 32.19 -20.28
CA SER A 137 23.96 32.54 -20.73
C SER A 137 25.01 32.01 -19.77
N LYS A 138 24.63 31.84 -18.50
CA LYS A 138 25.47 31.25 -17.45
C LYS A 138 26.16 29.99 -17.94
N SER A 139 27.48 29.98 -17.94
CA SER A 139 28.26 28.82 -18.38
C SER A 139 29.25 28.39 -17.32
N THR A 140 29.65 27.13 -17.39
CA THR A 140 30.66 26.53 -16.53
C THR A 140 31.57 25.66 -17.38
N SER A 141 32.76 25.34 -16.85
CA SER A 141 33.76 24.61 -17.63
C SER A 141 33.29 23.21 -18.03
N GLY A 142 32.47 22.58 -17.21
CA GLY A 142 32.00 21.24 -17.54
C GLY A 142 30.56 20.95 -17.17
N GLY A 143 29.74 22.00 -16.99
CA GLY A 143 28.33 21.82 -16.70
C GLY A 143 27.52 21.73 -17.98
N THR A 144 26.22 21.51 -17.81
CA THR A 144 25.34 21.35 -18.95
C THR A 144 24.17 22.32 -18.80
N ALA A 145 23.43 22.49 -19.89
CA ALA A 145 22.31 23.41 -19.94
C ALA A 145 21.27 22.80 -20.85
N ALA A 146 20.01 23.14 -20.59
CA ALA A 146 18.90 22.70 -21.43
C ALA A 146 18.46 23.84 -22.34
N LEU A 147 18.03 23.47 -23.54
CA LEU A 147 17.38 24.42 -24.44
C LEU A 147 16.30 23.67 -25.19
N GLY A 148 15.48 24.41 -25.92
CA GLY A 148 14.43 23.72 -26.64
C GLY A 148 13.65 24.66 -27.53
N CYS A 149 12.58 24.14 -28.12
CA CYS A 149 11.65 25.00 -28.83
C CYS A 149 10.22 24.64 -28.46
N LEU A 150 9.42 25.69 -28.39
CA LEU A 150 8.01 25.62 -28.05
C LEU A 150 7.24 25.72 -29.36
N VAL A 151 6.49 24.67 -29.68
CA VAL A 151 5.76 24.53 -30.94
C VAL A 151 4.29 24.74 -30.61
N LYS A 152 3.78 25.95 -30.86
CA LYS A 152 2.54 26.40 -30.24
C LYS A 152 1.47 26.70 -31.27
N ASP A 153 0.23 26.33 -30.93
CA ASP A 153 -0.99 26.78 -31.58
C ASP A 153 -1.11 26.20 -32.99
N TYR A 154 -1.12 24.87 -33.09
CA TYR A 154 -1.31 24.21 -34.38
C TYR A 154 -2.51 23.27 -34.30
N PHE A 155 -3.02 22.90 -35.48
CA PHE A 155 -4.12 21.96 -35.59
C PHE A 155 -4.15 21.39 -37.00
N PRO A 156 -4.41 20.09 -37.19
CA PRO A 156 -4.57 19.02 -36.19
C PRO A 156 -3.23 18.41 -35.82
N GLU A 157 -3.22 17.37 -34.99
CA GLU A 157 -2.03 16.52 -34.89
C GLU A 157 -1.77 15.87 -36.24
N PRO A 158 -0.52 15.45 -36.53
CA PRO A 158 0.68 15.55 -35.68
C PRO A 158 1.71 16.61 -36.17
N VAL A 159 2.70 16.88 -35.34
CA VAL A 159 3.90 17.60 -35.74
C VAL A 159 5.08 16.67 -35.51
N THR A 160 6.14 16.84 -36.29
CA THR A 160 7.40 16.18 -36.00
C THR A 160 8.46 17.22 -35.67
N VAL A 161 9.39 16.84 -34.79
CA VAL A 161 10.49 17.70 -34.38
C VAL A 161 11.78 16.88 -34.35
N SER A 162 12.82 17.40 -35.01
CA SER A 162 14.15 16.83 -34.92
C SER A 162 15.10 17.97 -34.57
N TRP A 163 16.33 17.59 -34.25
CA TRP A 163 17.36 18.56 -33.93
C TRP A 163 18.54 18.37 -34.88
N ASN A 164 19.03 19.50 -35.42
CA ASN A 164 20.18 19.52 -36.34
C ASN A 164 20.01 18.48 -37.44
N SER A 165 18.82 18.50 -38.04
CA SER A 165 18.47 17.64 -39.17
C SER A 165 18.68 16.16 -38.85
N GLY A 166 18.42 15.79 -37.60
CA GLY A 166 18.55 14.42 -37.17
C GLY A 166 19.91 14.03 -36.64
N ALA A 167 20.90 14.92 -36.68
CA ALA A 167 22.22 14.61 -36.16
C ALA A 167 22.28 14.62 -34.63
N LEU A 168 21.34 15.32 -33.97
CA LEU A 168 21.33 15.43 -32.50
C LEU A 168 20.11 14.67 -32.00
N THR A 169 20.33 13.51 -31.37
CA THR A 169 19.21 12.70 -30.92
C THR A 169 19.28 12.29 -29.45
N SER A 170 20.47 12.10 -28.89
CA SER A 170 20.55 11.58 -27.53
C SER A 170 20.26 12.69 -26.52
N GLY A 171 19.37 12.39 -25.57
CA GLY A 171 18.98 13.41 -24.63
C GLY A 171 17.92 14.38 -25.14
N VAL A 172 17.41 14.17 -26.33
CA VAL A 172 16.26 14.93 -26.79
C VAL A 172 15.01 14.37 -26.15
N HIS A 173 14.17 15.24 -25.59
CA HIS A 173 12.83 14.87 -25.16
C HIS A 173 11.82 15.71 -25.91
N THR A 174 11.00 15.08 -26.73
CA THR A 174 9.88 15.76 -27.39
C THR A 174 8.60 15.32 -26.69
N PHE A 175 7.94 16.26 -26.03
CA PHE A 175 6.83 15.92 -25.15
C PHE A 175 5.55 15.68 -25.94
N PRO A 176 4.63 14.86 -25.38
CA PRO A 176 3.30 14.75 -25.96
C PRO A 176 2.61 16.11 -26.03
N ALA A 177 1.90 16.33 -27.14
CA ALA A 177 1.13 17.56 -27.29
C ALA A 177 0.03 17.65 -26.23
N VAL A 178 -0.28 18.87 -25.83
CA VAL A 178 -1.48 19.15 -25.02
C VAL A 178 -2.48 19.89 -25.88
N LEU A 179 -3.76 19.62 -25.65
CA LEU A 179 -4.83 20.35 -26.31
C LEU A 179 -5.21 21.53 -25.43
N GLN A 180 -5.06 22.74 -25.95
CA GLN A 180 -5.35 23.95 -25.19
C GLN A 180 -6.85 24.26 -25.23
N SER A 181 -7.28 25.18 -24.35
CA SER A 181 -8.68 25.61 -24.29
C SER A 181 -9.14 26.22 -25.61
N SER A 182 -8.22 26.80 -26.37
CA SER A 182 -8.51 27.38 -27.68
C SER A 182 -8.84 26.33 -28.74
N GLY A 183 -8.67 25.04 -28.43
CA GLY A 183 -8.78 24.01 -29.45
C GLY A 183 -7.55 23.79 -30.30
N LEU A 184 -6.44 24.46 -29.98
CA LEU A 184 -5.16 24.31 -30.67
C LEU A 184 -4.20 23.54 -29.79
N TYR A 185 -3.28 22.80 -30.42
CA TYR A 185 -2.29 22.01 -29.72
C TYR A 185 -1.01 22.79 -29.47
N SER A 186 -0.25 22.36 -28.47
CA SER A 186 1.06 22.92 -28.18
C SER A 186 1.97 21.83 -27.63
N LEU A 187 3.25 21.86 -27.99
CA LEU A 187 4.22 20.96 -27.35
C LEU A 187 5.58 21.63 -27.29
N SER A 188 6.46 21.07 -26.46
CA SER A 188 7.85 21.48 -26.44
C SER A 188 8.77 20.29 -26.75
N SER A 189 9.92 20.61 -27.34
CA SER A 189 11.02 19.66 -27.52
C SER A 189 12.28 20.28 -26.94
N VAL A 190 13.01 19.51 -26.13
CA VAL A 190 14.18 20.02 -25.41
C VAL A 190 15.35 19.07 -25.62
N VAL A 191 16.56 19.60 -25.34
CA VAL A 191 17.77 18.80 -25.40
C VAL A 191 18.77 19.40 -24.41
N THR A 192 19.59 18.53 -23.82
CA THR A 192 20.64 18.98 -22.91
C THR A 192 21.99 18.99 -23.62
N VAL A 193 22.71 20.11 -23.49
CA VAL A 193 23.98 20.34 -24.21
C VAL A 193 25.04 20.88 -23.25
N PRO A 194 26.32 20.92 -23.63
CA PRO A 194 27.31 21.55 -22.74
C PRO A 194 27.10 23.05 -22.72
N SER A 195 27.26 23.64 -21.53
CA SER A 195 27.11 25.09 -21.44
C SER A 195 28.29 25.84 -22.04
N SER A 196 29.47 25.22 -22.13
CA SER A 196 30.67 25.93 -22.58
C SER A 196 30.68 26.23 -24.07
N SER A 197 29.88 25.55 -24.88
CA SER A 197 29.92 25.75 -26.33
C SER A 197 28.65 26.39 -26.89
N LEU A 198 27.81 26.96 -26.02
CA LEU A 198 26.56 27.59 -26.46
C LEU A 198 26.80 28.74 -27.43
N GLY A 199 27.98 29.37 -27.40
CA GLY A 199 28.23 30.48 -28.31
C GLY A 199 28.74 30.08 -29.68
N THR A 200 29.23 28.83 -29.84
CA THR A 200 29.86 28.40 -31.08
C THR A 200 29.22 27.18 -31.73
N GLN A 201 28.45 26.39 -30.98
CA GLN A 201 27.68 25.30 -31.54
C GLN A 201 26.29 25.80 -31.92
N THR A 202 25.81 25.38 -33.09
CA THR A 202 24.46 25.76 -33.51
C THR A 202 23.46 24.65 -33.17
N TYR A 203 22.34 25.04 -32.58
CA TYR A 203 21.25 24.12 -32.25
C TYR A 203 19.99 24.58 -32.97
N ILE A 204 19.51 23.74 -33.88
CA ILE A 204 18.36 24.06 -34.74
C ILE A 204 17.30 23.01 -34.51
N CYS A 205 16.10 23.43 -34.17
CA CYS A 205 14.98 22.49 -34.14
C CYS A 205 14.22 22.57 -35.46
N ASN A 206 14.04 21.40 -36.08
CA ASN A 206 13.37 21.25 -37.38
C ASN A 206 11.94 20.79 -37.14
N VAL A 207 10.98 21.67 -37.41
CA VAL A 207 9.56 21.43 -37.13
C VAL A 207 8.84 21.20 -38.45
N ASN A 208 8.03 20.15 -38.52
CA ASN A 208 7.23 19.87 -39.71
C ASN A 208 5.81 19.57 -39.28
N HIS A 209 4.87 20.38 -39.78
CA HIS A 209 3.44 20.18 -39.59
C HIS A 209 2.87 19.90 -40.98
N LYS A 210 2.84 18.62 -41.36
CA LYS A 210 2.38 18.26 -42.70
C LYS A 210 0.95 18.71 -43.00
N PRO A 211 -0.02 18.63 -42.08
CA PRO A 211 -1.37 19.07 -42.44
C PRO A 211 -1.46 20.50 -42.96
N SER A 212 -0.61 21.42 -42.51
CA SER A 212 -0.63 22.78 -43.01
C SER A 212 0.49 23.07 -44.00
N ASN A 213 1.28 22.06 -44.35
CA ASN A 213 2.49 22.22 -45.16
C ASN A 213 3.40 23.31 -44.60
N THR A 214 3.61 23.27 -43.29
CA THR A 214 4.47 24.23 -42.59
C THR A 214 5.76 23.52 -42.21
N LYS A 215 6.89 24.05 -42.66
CA LYS A 215 8.21 23.59 -42.26
C LYS A 215 8.98 24.79 -41.74
N VAL A 216 9.54 24.67 -40.53
CA VAL A 216 10.26 25.77 -39.89
C VAL A 216 11.52 25.20 -39.25
N ASP A 217 12.66 25.86 -39.46
CA ASP A 217 13.90 25.57 -38.73
C ASP A 217 14.19 26.76 -37.81
N LYS A 218 14.32 26.49 -36.52
CA LYS A 218 14.49 27.54 -35.52
C LYS A 218 15.82 27.37 -34.80
N LYS A 219 16.67 28.38 -34.87
CA LYS A 219 17.90 28.38 -34.10
C LYS A 219 17.62 28.82 -32.67
N VAL A 220 18.23 28.14 -31.72
CA VAL A 220 18.03 28.42 -30.30
C VAL A 220 19.38 28.70 -29.66
N GLU A 221 19.48 29.81 -28.94
CA GLU A 221 20.78 30.24 -28.42
C GLU A 221 20.53 31.16 -27.23
N PRO A 222 21.54 31.39 -26.40
CA PRO A 222 21.36 32.25 -25.23
C PRO A 222 20.90 33.64 -25.64
N LYS A 223 20.06 34.23 -24.82
CA LYS A 223 19.58 35.57 -25.09
C LYS A 223 20.57 36.64 -24.66
N SER A 224 20.70 37.67 -25.49
CA SER A 224 21.47 38.86 -25.16
C SER A 224 22.91 38.49 -24.85
N GLN B 1 -22.04 -2.90 -18.71
CA GLN B 1 -22.37 -2.26 -17.45
C GLN B 1 -21.80 -3.03 -16.24
N ILE B 2 -21.12 -4.14 -16.47
CA ILE B 2 -20.32 -4.74 -15.42
C ILE B 2 -19.03 -3.93 -15.30
N VAL B 3 -18.77 -3.41 -14.10
CA VAL B 3 -17.59 -2.59 -13.86
C VAL B 3 -16.42 -3.49 -13.45
N LEU B 4 -15.28 -3.33 -14.12
CA LEU B 4 -14.06 -4.07 -13.79
C LEU B 4 -13.07 -3.11 -13.17
N THR B 5 -12.63 -3.41 -11.95
CA THR B 5 -11.71 -2.55 -11.20
C THR B 5 -10.37 -3.24 -11.11
N GLN B 6 -9.34 -2.64 -11.71
CA GLN B 6 -8.01 -3.21 -11.67
C GLN B 6 -7.18 -2.57 -10.56
N SER B 7 -6.24 -3.34 -10.03
CA SER B 7 -5.34 -2.86 -8.99
C SER B 7 -4.04 -3.64 -9.06
N PRO B 8 -2.91 -3.02 -8.72
CA PRO B 8 -2.84 -1.59 -8.43
C PRO B 8 -2.89 -0.74 -9.71
N ALA B 9 -3.10 0.57 -9.57
CA ALA B 9 -3.10 1.45 -10.73
C ALA B 9 -1.75 1.41 -11.44
N THR B 10 -0.65 1.49 -10.68
CA THR B 10 0.71 1.35 -11.20
C THR B 10 1.45 0.31 -10.37
N LEU B 11 2.24 -0.51 -11.06
CA LEU B 11 3.05 -1.53 -10.44
C LEU B 11 4.48 -1.32 -10.89
N SER B 12 5.40 -1.16 -9.94
CA SER B 12 6.79 -0.83 -10.23
C SER B 12 7.69 -1.97 -9.82
N LEU B 13 8.36 -2.60 -10.79
CA LEU B 13 9.16 -3.80 -10.53
C LEU B 13 10.37 -3.81 -11.45
N SER B 14 11.39 -4.60 -11.08
CA SER B 14 12.61 -4.74 -11.87
C SER B 14 12.56 -6.01 -12.71
N PRO B 15 13.32 -6.06 -13.81
CA PRO B 15 13.40 -7.30 -14.57
C PRO B 15 13.86 -8.47 -13.70
N GLY B 16 13.24 -9.62 -13.91
CA GLY B 16 13.52 -10.82 -13.15
C GLY B 16 12.57 -11.06 -11.98
N GLU B 17 11.84 -10.03 -11.56
CA GLU B 17 10.84 -10.14 -10.50
C GLU B 17 9.53 -10.71 -11.05
N ARG B 18 8.56 -10.87 -10.16
CA ARG B 18 7.27 -11.46 -10.50
C ARG B 18 6.16 -10.43 -10.30
N ALA B 19 5.35 -10.23 -11.33
CA ALA B 19 4.24 -9.28 -11.29
C ALA B 19 2.92 -9.99 -11.05
N THR B 20 2.12 -9.44 -10.14
CA THR B 20 0.77 -9.92 -9.82
C THR B 20 -0.22 -8.78 -10.02
N LEU B 21 -1.13 -8.94 -10.99
CA LEU B 21 -2.10 -7.92 -11.36
C LEU B 21 -3.50 -8.44 -11.07
N SER B 22 -4.34 -7.60 -10.47
CA SER B 22 -5.66 -8.00 -10.03
C SER B 22 -6.76 -7.31 -10.83
N CYS B 23 -7.88 -8.02 -10.99
CA CYS B 23 -9.07 -7.47 -11.66
C CYS B 23 -10.30 -7.95 -10.90
N SER B 24 -11.08 -7.01 -10.39
CA SER B 24 -12.28 -7.32 -9.64
C SER B 24 -13.52 -6.87 -10.42
N ALA B 25 -14.43 -7.81 -10.68
CA ALA B 25 -15.67 -7.49 -11.39
C ALA B 25 -16.75 -7.11 -10.39
N GLY B 26 -17.61 -6.17 -10.77
CA GLY B 26 -18.67 -5.72 -9.87
C GLY B 26 -19.74 -6.76 -9.63
N SER B 27 -19.93 -7.67 -10.58
CA SER B 27 -20.79 -8.84 -10.42
C SER B 27 -20.10 -10.00 -11.10
N SER B 28 -20.58 -11.22 -10.83
CA SER B 28 -19.83 -12.40 -11.23
C SER B 28 -19.82 -12.56 -12.75
N VAL B 29 -18.69 -13.08 -13.25
CA VAL B 29 -18.52 -13.38 -14.67
C VAL B 29 -17.94 -14.78 -14.78
N ASN B 30 -18.14 -15.37 -15.96
CA ASN B 30 -17.75 -16.76 -16.15
C ASN B 30 -16.25 -16.92 -16.35
N TYR B 31 -15.59 -15.91 -16.92
CA TYR B 31 -14.16 -15.95 -17.20
C TYR B 31 -13.68 -14.52 -17.40
N MET B 32 -12.36 -14.36 -17.57
CA MET B 32 -11.75 -13.06 -17.78
C MET B 32 -10.68 -13.17 -18.86
N HIS B 33 -10.60 -12.17 -19.74
CA HIS B 33 -9.52 -12.09 -20.71
C HIS B 33 -8.51 -11.04 -20.28
N TRP B 34 -7.29 -11.13 -20.81
CA TRP B 34 -6.25 -10.13 -20.50
C TRP B 34 -5.53 -9.70 -21.77
N PHE B 35 -5.32 -8.38 -21.88
CA PHE B 35 -4.68 -7.74 -23.01
C PHE B 35 -3.49 -6.91 -22.55
N GLN B 36 -2.47 -6.86 -23.39
CA GLN B 36 -1.28 -6.05 -23.18
C GLN B 36 -1.29 -4.91 -24.20
N GLN B 37 -0.85 -3.72 -23.78
CA GLN B 37 -0.74 -2.61 -24.70
C GLN B 37 0.48 -1.75 -24.41
N LYS B 38 1.32 -1.56 -25.42
CA LYS B 38 2.48 -0.68 -25.40
C LYS B 38 2.15 0.64 -26.09
N PRO B 39 2.81 1.74 -25.72
CA PRO B 39 2.48 3.03 -26.34
C PRO B 39 2.59 2.97 -27.85
N GLY B 40 1.57 3.51 -28.53
CA GLY B 40 1.54 3.54 -29.98
C GLY B 40 1.18 2.23 -30.66
N GLN B 41 0.78 1.21 -29.92
CA GLN B 41 0.42 -0.08 -30.49
C GLN B 41 -1.01 -0.46 -30.11
N ALA B 42 -1.60 -1.32 -30.94
CA ALA B 42 -2.90 -1.89 -30.61
C ALA B 42 -2.76 -2.81 -29.39
N PRO B 43 -3.85 -3.00 -28.65
CA PRO B 43 -3.87 -4.09 -27.64
C PRO B 43 -3.58 -5.43 -28.27
N ARG B 44 -3.05 -6.34 -27.45
CA ARG B 44 -2.71 -7.70 -27.86
C ARG B 44 -3.24 -8.68 -26.83
N LEU B 45 -4.00 -9.69 -27.29
CA LEU B 45 -4.53 -10.71 -26.40
C LEU B 45 -3.40 -11.58 -25.84
N LEU B 46 -3.38 -11.73 -24.53
CA LEU B 46 -2.41 -12.58 -23.85
C LEU B 46 -3.03 -13.85 -23.29
N ILE B 47 -4.10 -13.70 -22.51
CA ILE B 47 -4.79 -14.78 -21.82
C ILE B 47 -6.27 -14.70 -22.18
N TYR B 48 -6.86 -15.84 -22.54
CA TYR B 48 -8.29 -15.89 -22.77
C TYR B 48 -8.92 -16.95 -21.89
N SER B 49 -10.18 -16.73 -21.55
CA SER B 49 -10.96 -17.61 -20.67
C SER B 49 -10.18 -17.97 -19.42
N THR B 50 -9.64 -16.92 -18.79
CA THR B 50 -9.03 -16.94 -17.45
C THR B 50 -7.61 -17.50 -17.42
N SER B 51 -7.33 -18.60 -18.12
CA SER B 51 -6.04 -19.27 -17.94
C SER B 51 -5.35 -19.75 -19.22
N ASN B 52 -5.93 -19.52 -20.39
CA ASN B 52 -5.39 -20.06 -21.62
C ASN B 52 -4.50 -19.03 -22.33
N LEU B 53 -3.34 -19.47 -22.79
CA LEU B 53 -2.39 -18.57 -23.43
C LEU B 53 -2.73 -18.47 -24.91
N ALA B 54 -2.84 -17.24 -25.40
CA ALA B 54 -2.97 -17.01 -26.83
C ALA B 54 -1.74 -17.51 -27.57
N SER B 55 -1.88 -17.72 -28.88
CA SER B 55 -0.79 -18.28 -29.66
C SER B 55 0.45 -17.38 -29.59
N GLY B 56 1.60 -17.98 -29.31
CA GLY B 56 2.86 -17.26 -29.27
C GLY B 56 3.17 -16.56 -27.96
N VAL B 57 2.26 -16.57 -26.99
CA VAL B 57 2.49 -15.90 -25.70
C VAL B 57 3.42 -16.77 -24.86
N PRO B 58 4.49 -16.21 -24.28
CA PRO B 58 5.45 -17.04 -23.55
C PRO B 58 4.87 -17.53 -22.22
N ALA B 59 5.38 -18.69 -21.79
CA ALA B 59 4.81 -19.41 -20.65
C ALA B 59 4.94 -18.66 -19.33
N ARG B 60 5.78 -17.62 -19.26
CA ARG B 60 5.89 -16.85 -18.02
C ARG B 60 4.62 -16.08 -17.69
N PHE B 61 3.69 -15.97 -18.64
CA PHE B 61 2.37 -15.37 -18.38
C PHE B 61 1.39 -16.46 -17.94
N SER B 62 0.70 -16.24 -16.84
CA SER B 62 -0.35 -17.17 -16.43
C SER B 62 -1.50 -16.41 -15.77
N GLY B 63 -2.71 -16.93 -15.94
CA GLY B 63 -3.90 -16.30 -15.40
C GLY B 63 -4.68 -17.25 -14.53
N SER B 64 -5.39 -16.69 -13.56
CA SER B 64 -6.19 -17.49 -12.66
C SER B 64 -7.37 -16.67 -12.15
N GLY B 65 -8.21 -17.31 -11.34
CA GLY B 65 -9.31 -16.63 -10.68
C GLY B 65 -10.65 -17.27 -11.00
N SER B 66 -11.66 -16.77 -10.28
CA SER B 66 -13.03 -17.22 -10.45
C SER B 66 -13.96 -16.17 -9.86
N GLY B 67 -15.24 -16.26 -10.27
CA GLY B 67 -16.27 -15.41 -9.72
C GLY B 67 -16.09 -13.95 -10.10
N THR B 68 -15.74 -13.13 -9.11
CA THR B 68 -15.48 -11.72 -9.34
C THR B 68 -14.00 -11.36 -9.27
N ASP B 69 -13.12 -12.31 -8.95
CA ASP B 69 -11.73 -11.99 -8.66
C ASP B 69 -10.79 -12.76 -9.58
N TYR B 70 -10.01 -12.04 -10.38
CA TYR B 70 -9.09 -12.65 -11.34
C TYR B 70 -7.71 -12.04 -11.20
N THR B 71 -6.69 -12.81 -11.62
CA THR B 71 -5.30 -12.42 -11.45
C THR B 71 -4.52 -12.76 -12.72
N LEU B 72 -3.66 -11.84 -13.14
CA LEU B 72 -2.64 -12.11 -14.14
C LEU B 72 -1.29 -12.12 -13.44
N THR B 73 -0.52 -13.20 -13.62
CA THR B 73 0.81 -13.32 -13.02
C THR B 73 1.85 -13.40 -14.13
N ILE B 74 2.90 -12.58 -14.02
CA ILE B 74 3.99 -12.58 -14.98
C ILE B 74 5.28 -12.85 -14.22
N SER B 75 5.85 -14.05 -14.40
CA SER B 75 7.07 -14.40 -13.70
C SER B 75 8.29 -14.03 -14.52
N SER B 76 9.42 -13.87 -13.83
CA SER B 76 10.70 -13.49 -14.40
C SER B 76 10.56 -12.46 -15.50
N LEU B 77 10.15 -11.25 -15.10
CA LEU B 77 9.85 -10.16 -16.03
C LEU B 77 11.01 -9.89 -16.97
N GLU B 78 10.70 -9.79 -18.25
CA GLU B 78 11.61 -9.34 -19.28
C GLU B 78 11.33 -7.87 -19.61
N PRO B 79 12.32 -7.14 -20.12
CA PRO B 79 12.08 -5.73 -20.45
C PRO B 79 10.90 -5.51 -21.38
N GLU B 80 10.62 -6.46 -22.28
CA GLU B 80 9.49 -6.36 -23.19
C GLU B 80 8.14 -6.53 -22.49
N ASP B 81 8.11 -6.86 -21.20
CA ASP B 81 6.84 -7.06 -20.50
C ASP B 81 6.29 -5.80 -19.86
N PHE B 82 7.07 -4.73 -19.80
CA PHE B 82 6.59 -3.51 -19.16
C PHE B 82 5.68 -2.77 -20.13
N ALA B 83 4.46 -2.52 -19.70
CA ALA B 83 3.38 -2.15 -20.59
C ALA B 83 2.15 -1.87 -19.74
N VAL B 84 1.02 -1.54 -20.37
CA VAL B 84 -0.26 -1.42 -19.69
C VAL B 84 -1.05 -2.71 -19.93
N TYR B 85 -1.75 -3.18 -18.90
CA TYR B 85 -2.52 -4.41 -18.98
C TYR B 85 -3.98 -4.14 -18.62
N TYR B 86 -4.87 -4.65 -19.47
CA TYR B 86 -6.32 -4.50 -19.35
C TYR B 86 -6.98 -5.87 -19.24
N CYS B 87 -7.88 -6.01 -18.29
CA CYS B 87 -8.78 -7.15 -18.28
C CYS B 87 -10.07 -6.82 -19.02
N GLN B 88 -10.73 -7.84 -19.55
CA GLN B 88 -11.97 -7.67 -20.27
C GLN B 88 -12.90 -8.85 -19.97
N GLN B 89 -14.17 -8.54 -19.69
CA GLN B 89 -15.21 -9.56 -19.57
C GLN B 89 -16.09 -9.55 -20.82
N ARG B 90 -16.53 -10.74 -21.22
CA ARG B 90 -17.43 -10.93 -22.34
C ARG B 90 -18.58 -11.87 -21.94
N SER B 91 -18.94 -11.87 -20.66
CA SER B 91 -20.04 -12.66 -20.14
C SER B 91 -21.37 -11.91 -20.19
N SER B 92 -21.33 -10.58 -20.20
CA SER B 92 -22.54 -9.78 -20.18
C SER B 92 -22.39 -8.61 -21.15
N LEU B 93 -23.47 -8.30 -21.86
CA LEU B 93 -23.41 -7.16 -22.78
C LEU B 93 -23.79 -5.87 -22.07
N PRO B 94 -23.11 -4.74 -22.36
CA PRO B 94 -21.97 -4.64 -23.29
C PRO B 94 -20.66 -5.15 -22.68
N PHE B 95 -19.79 -5.70 -23.52
CA PHE B 95 -18.48 -6.12 -23.05
C PHE B 95 -17.74 -4.91 -22.50
N THR B 96 -17.02 -5.10 -21.40
CA THR B 96 -16.35 -4.01 -20.70
C THR B 96 -14.91 -4.38 -20.37
N PHE B 97 -14.08 -3.33 -20.26
CA PHE B 97 -12.68 -3.41 -19.90
C PHE B 97 -12.45 -2.78 -18.53
N GLY B 98 -11.46 -3.31 -17.82
CA GLY B 98 -10.91 -2.59 -16.68
C GLY B 98 -10.20 -1.32 -17.12
N GLN B 99 -9.91 -0.46 -16.14
CA GLN B 99 -9.26 0.81 -16.41
C GLN B 99 -7.76 0.70 -16.67
N GLY B 100 -7.16 -0.47 -16.45
CA GLY B 100 -5.77 -0.69 -16.80
C GLY B 100 -4.82 -0.61 -15.61
N THR B 101 -3.80 -1.46 -15.61
CA THR B 101 -2.66 -1.36 -14.70
C THR B 101 -1.40 -1.08 -15.51
N LYS B 102 -0.67 -0.02 -15.13
CA LYS B 102 0.62 0.26 -15.74
C LYS B 102 1.72 -0.48 -14.99
N LEU B 103 2.40 -1.38 -15.68
CA LEU B 103 3.57 -2.06 -15.15
C LEU B 103 4.81 -1.35 -15.66
N GLU B 104 5.50 -0.63 -14.77
CA GLU B 104 6.66 0.18 -15.11
C GLU B 104 7.92 -0.32 -14.40
N ILE B 105 9.07 0.12 -14.89
CA ILE B 105 10.35 -0.38 -14.40
C ILE B 105 10.74 0.37 -13.14
N LYS B 106 11.03 -0.37 -12.07
CA LYS B 106 11.57 0.21 -10.86
C LYS B 106 13.08 0.36 -11.02
N ARG B 107 13.60 1.52 -10.65
CA ARG B 107 15.03 1.76 -10.67
C ARG B 107 15.37 2.62 -9.47
N THR B 108 16.66 2.90 -9.28
CA THR B 108 17.06 3.76 -8.17
C THR B 108 16.50 5.17 -8.36
N VAL B 109 16.30 5.86 -7.23
CA VAL B 109 15.78 7.22 -7.25
C VAL B 109 16.72 8.15 -8.02
N ALA B 110 16.14 8.95 -8.92
CA ALA B 110 16.90 9.88 -9.74
C ALA B 110 16.26 11.26 -9.63
N ALA B 111 17.00 12.22 -9.09
CA ALA B 111 16.45 13.55 -8.95
C ALA B 111 16.30 14.24 -10.31
N PRO B 112 15.25 15.05 -10.49
CA PRO B 112 15.12 15.79 -11.75
C PRO B 112 16.21 16.85 -11.89
N SER B 113 16.59 17.12 -13.14
CA SER B 113 17.37 18.31 -13.48
C SER B 113 16.39 19.39 -13.92
N VAL B 114 16.33 20.51 -13.19
CA VAL B 114 15.25 21.50 -13.35
C VAL B 114 15.78 22.76 -14.03
N PHE B 115 14.99 23.28 -14.99
CA PHE B 115 15.31 24.49 -15.74
C PHE B 115 14.03 25.31 -15.92
N ILE B 116 14.17 26.64 -15.93
CA ILE B 116 13.05 27.53 -16.23
C ILE B 116 13.39 28.34 -17.46
N PHE B 117 12.38 28.60 -18.30
CA PHE B 117 12.55 29.34 -19.54
C PHE B 117 11.56 30.49 -19.59
N PRO B 118 12.02 31.74 -19.69
CA PRO B 118 11.09 32.88 -19.83
C PRO B 118 10.49 32.90 -21.22
N PRO B 119 9.39 33.63 -21.42
CA PRO B 119 8.85 33.78 -22.78
C PRO B 119 9.81 34.55 -23.67
N SER B 120 9.79 34.20 -24.96
CA SER B 120 10.59 34.90 -25.94
C SER B 120 9.97 36.25 -26.28
N ASP B 121 10.82 37.19 -26.68
CA ASP B 121 10.32 38.48 -27.16
C ASP B 121 9.43 38.31 -28.38
N GLU B 122 9.74 37.33 -29.24
CA GLU B 122 8.89 37.06 -30.41
C GLU B 122 7.47 36.72 -29.99
N GLN B 123 7.30 35.81 -29.04
CA GLN B 123 5.96 35.46 -28.57
C GLN B 123 5.26 36.66 -27.93
N LEU B 124 6.01 37.47 -27.17
CA LEU B 124 5.40 38.61 -26.49
C LEU B 124 4.74 39.55 -27.48
N LYS B 125 5.40 39.80 -28.60
CA LYS B 125 4.82 40.64 -29.66
C LYS B 125 3.42 40.17 -30.04
N SER B 126 3.17 38.86 -29.99
CA SER B 126 1.89 38.29 -30.40
C SER B 126 0.82 38.38 -29.31
N GLY B 127 1.16 38.81 -28.10
CA GLY B 127 0.17 39.05 -27.07
C GLY B 127 0.04 37.98 -26.02
N THR B 128 0.91 36.97 -26.01
CA THR B 128 0.86 35.92 -25.00
C THR B 128 2.26 35.63 -24.51
N ALA B 129 2.33 35.10 -23.28
CA ALA B 129 3.60 34.76 -22.65
C ALA B 129 3.49 33.32 -22.14
N SER B 130 4.38 32.45 -22.61
CA SER B 130 4.48 31.09 -22.10
C SER B 130 5.77 30.98 -21.29
N VAL B 131 5.65 30.50 -20.06
CA VAL B 131 6.79 30.24 -19.19
C VAL B 131 6.87 28.73 -19.01
N VAL B 132 8.04 28.15 -19.20
CA VAL B 132 8.17 26.70 -19.17
C VAL B 132 9.11 26.28 -18.05
N CYS B 133 8.68 25.27 -17.28
CA CYS B 133 9.52 24.63 -16.28
C CYS B 133 9.73 23.19 -16.72
N LEU B 134 11.00 22.80 -16.79
CA LEU B 134 11.39 21.51 -17.34
C LEU B 134 12.02 20.66 -16.25
N LEU B 135 11.58 19.43 -16.12
CA LEU B 135 12.14 18.47 -15.17
C LEU B 135 12.70 17.31 -15.99
N ASN B 136 14.02 17.19 -16.06
CA ASN B 136 14.65 16.18 -16.91
C ASN B 136 15.04 14.93 -16.12
N ASN B 137 14.65 13.75 -16.63
CA ASN B 137 15.23 12.44 -16.29
C ASN B 137 15.16 12.13 -14.79
N PHE B 138 13.93 11.97 -14.31
CA PHE B 138 13.70 11.67 -12.89
C PHE B 138 12.97 10.34 -12.71
N TYR B 139 13.12 9.77 -11.52
CA TYR B 139 12.43 8.56 -11.10
C TYR B 139 12.33 8.59 -9.57
N PRO B 140 11.17 8.29 -8.98
CA PRO B 140 9.93 7.84 -9.60
C PRO B 140 9.13 8.97 -10.26
N ARG B 141 7.98 8.58 -10.82
CA ARG B 141 7.14 9.47 -11.61
C ARG B 141 6.58 10.62 -10.79
N GLU B 142 6.27 10.37 -9.52
CA GLU B 142 5.62 11.37 -8.69
C GLU B 142 6.48 12.62 -8.55
N ALA B 143 5.90 13.76 -8.89
CA ALA B 143 6.61 15.04 -8.81
C ALA B 143 5.59 16.16 -8.70
N LYS B 144 5.87 17.14 -7.86
CA LYS B 144 5.01 18.31 -7.71
C LYS B 144 5.69 19.53 -8.30
N VAL B 145 4.98 20.23 -9.17
CA VAL B 145 5.45 21.48 -9.77
C VAL B 145 4.48 22.59 -9.38
N GLN B 146 5.00 23.59 -8.69
CA GLN B 146 4.20 24.70 -8.18
C GLN B 146 4.70 26.00 -8.79
N TRP B 147 3.79 26.75 -9.41
CA TRP B 147 4.10 28.04 -10.02
C TRP B 147 3.71 29.17 -9.07
N LYS B 148 4.60 30.15 -8.94
CA LYS B 148 4.33 31.37 -8.18
C LYS B 148 4.73 32.59 -9.00
N VAL B 149 3.87 33.60 -8.98
CA VAL B 149 4.11 34.86 -9.69
C VAL B 149 3.96 35.96 -8.65
N ASP B 150 5.07 36.65 -8.35
CA ASP B 150 5.16 37.57 -7.21
C ASP B 150 4.56 36.95 -5.95
N ASN B 151 4.89 35.69 -5.70
CA ASN B 151 4.49 34.91 -4.53
C ASN B 151 3.00 34.55 -4.52
N ALA B 152 2.28 34.79 -5.61
CA ALA B 152 0.91 34.32 -5.73
C ALA B 152 0.91 32.94 -6.37
N LEU B 153 0.30 31.98 -5.69
CA LEU B 153 0.20 30.61 -6.22
C LEU B 153 -0.71 30.59 -7.45
N GLN B 154 -0.20 30.02 -8.55
CA GLN B 154 -0.95 29.92 -9.79
C GLN B 154 -1.74 28.61 -9.86
N SER B 155 -3.02 28.71 -10.22
CA SER B 155 -3.88 27.55 -10.26
C SER B 155 -4.74 27.59 -11.53
N GLY B 156 -4.67 26.53 -12.32
CA GLY B 156 -5.53 26.39 -13.47
C GLY B 156 -4.99 26.95 -14.77
N ASN B 157 -3.85 27.64 -14.75
CA ASN B 157 -3.30 28.28 -15.94
C ASN B 157 -1.98 27.65 -16.37
N SER B 158 -1.73 26.42 -15.93
CA SER B 158 -0.59 25.64 -16.41
C SER B 158 -1.05 24.25 -16.88
N GLN B 159 -0.29 23.68 -17.81
CA GLN B 159 -0.52 22.32 -18.30
C GLN B 159 0.81 21.55 -18.23
N GLU B 160 0.73 20.27 -17.86
CA GLU B 160 1.88 19.40 -17.72
C GLU B 160 1.85 18.35 -18.82
N SER B 161 3.03 17.98 -19.30
CA SER B 161 3.17 16.87 -20.22
C SER B 161 4.34 16.02 -19.78
N VAL B 162 4.19 14.69 -19.88
CA VAL B 162 5.22 13.75 -19.39
C VAL B 162 5.55 12.75 -20.49
N THR B 163 6.83 12.43 -20.64
CA THR B 163 7.28 11.44 -21.60
C THR B 163 6.95 10.03 -21.08
N GLU B 164 6.96 9.07 -22.00
CA GLU B 164 6.94 7.68 -21.59
C GLU B 164 8.27 7.32 -20.93
N GLN B 165 8.24 6.32 -20.05
CA GLN B 165 9.45 5.89 -19.37
C GLN B 165 10.54 5.54 -20.39
N ASP B 166 11.71 6.13 -20.20
CA ASP B 166 12.79 6.02 -21.17
C ASP B 166 13.26 4.57 -21.28
N SER B 167 13.43 4.09 -22.52
CA SER B 167 13.76 2.68 -22.71
C SER B 167 15.19 2.37 -22.27
N LYS B 168 16.06 3.36 -22.20
CA LYS B 168 17.45 3.14 -21.84
C LYS B 168 17.75 3.42 -20.37
N ASP B 169 17.31 4.55 -19.79
CA ASP B 169 17.62 4.80 -18.38
C ASP B 169 16.42 4.72 -17.45
N SER B 170 15.24 4.35 -17.97
CA SER B 170 14.04 4.11 -17.16
C SER B 170 13.55 5.35 -16.41
N THR B 171 13.88 6.56 -16.88
CA THR B 171 13.43 7.77 -16.21
C THR B 171 12.25 8.41 -16.95
N TYR B 172 11.66 9.39 -16.30
CA TYR B 172 10.61 10.24 -16.86
C TYR B 172 11.15 11.66 -17.04
N SER B 173 10.54 12.39 -17.97
CA SER B 173 10.79 13.82 -18.05
C SER B 173 9.45 14.55 -18.18
N LEU B 174 9.41 15.77 -17.66
CA LEU B 174 8.16 16.50 -17.53
C LEU B 174 8.35 17.97 -17.90
N SER B 175 7.39 18.52 -18.64
CA SER B 175 7.31 19.95 -18.88
C SER B 175 6.04 20.50 -18.25
N SER B 176 6.15 21.65 -17.61
CA SER B 176 4.99 22.39 -17.14
C SER B 176 5.03 23.78 -17.76
N THR B 177 3.94 24.16 -18.44
CA THR B 177 3.86 25.43 -19.17
C THR B 177 2.80 26.32 -18.54
N LEU B 178 3.23 27.47 -18.03
CA LEU B 178 2.34 28.50 -17.50
C LEU B 178 2.07 29.51 -18.61
N THR B 179 0.80 29.75 -18.91
CA THR B 179 0.42 30.67 -19.98
C THR B 179 -0.30 31.88 -19.38
N LEU B 180 0.19 33.07 -19.73
CA LEU B 180 -0.41 34.33 -19.32
C LEU B 180 -0.64 35.20 -20.54
N SER B 181 -1.63 36.09 -20.47
CA SER B 181 -1.66 37.17 -21.44
C SER B 181 -0.43 38.06 -21.26
N LYS B 182 -0.05 38.75 -22.33
CA LYS B 182 1.02 39.74 -22.23
C LYS B 182 0.67 40.80 -21.17
N ALA B 183 -0.60 41.23 -21.14
CA ALA B 183 -1.05 42.21 -20.17
C ALA B 183 -0.77 41.74 -18.74
N ASP B 184 -1.19 40.52 -18.42
CA ASP B 184 -0.92 40.01 -17.08
C ASP B 184 0.57 39.86 -16.84
N TYR B 185 1.32 39.36 -17.83
CA TYR B 185 2.74 39.10 -17.68
C TYR B 185 3.51 40.37 -17.33
N GLU B 186 3.21 41.47 -18.00
CA GLU B 186 3.98 42.69 -17.78
C GLU B 186 3.62 43.39 -16.47
N LYS B 187 2.60 42.92 -15.77
CA LYS B 187 2.22 43.47 -14.47
C LYS B 187 2.97 42.83 -13.31
N HIS B 188 3.81 41.82 -13.53
CA HIS B 188 4.46 41.11 -12.45
C HIS B 188 5.95 40.95 -12.72
N LYS B 189 6.69 40.69 -11.65
CA LYS B 189 8.16 40.69 -11.68
C LYS B 189 8.74 39.29 -11.54
N VAL B 190 8.46 38.58 -10.44
CA VAL B 190 9.14 37.34 -10.09
C VAL B 190 8.33 36.15 -10.58
N TYR B 191 8.94 35.35 -11.45
CA TYR B 191 8.34 34.12 -11.97
C TYR B 191 9.12 32.93 -11.45
N ALA B 192 8.45 31.99 -10.76
CA ALA B 192 9.16 30.92 -10.08
C ALA B 192 8.43 29.59 -10.22
N CYS B 193 9.22 28.52 -10.43
CA CYS B 193 8.76 27.15 -10.46
C CYS B 193 9.44 26.41 -9.32
N GLU B 194 8.66 25.81 -8.43
CA GLU B 194 9.17 25.02 -7.32
C GLU B 194 8.85 23.54 -7.51
N VAL B 195 9.88 22.70 -7.47
CA VAL B 195 9.78 21.27 -7.77
C VAL B 195 10.02 20.48 -6.50
N THR B 196 9.09 19.58 -6.19
CA THR B 196 9.20 18.65 -5.07
C THR B 196 9.32 17.24 -5.62
N HIS B 197 10.30 16.49 -5.15
CA HIS B 197 10.53 15.14 -5.65
C HIS B 197 11.34 14.37 -4.61
N GLN B 198 11.12 13.06 -4.56
CA GLN B 198 11.82 12.20 -3.61
C GLN B 198 13.33 12.33 -3.70
N GLY B 199 13.88 12.56 -4.89
CA GLY B 199 15.33 12.70 -5.03
C GLY B 199 15.90 14.03 -4.58
N LEU B 200 15.05 14.98 -4.19
CA LEU B 200 15.47 16.30 -3.74
C LEU B 200 15.25 16.39 -2.23
N SER B 201 16.34 16.56 -1.47
CA SER B 201 16.25 16.64 -0.02
C SER B 201 15.35 17.81 0.43
N SER B 202 15.32 18.89 -0.34
CA SER B 202 14.33 19.94 -0.17
C SER B 202 13.97 20.45 -1.55
N PRO B 203 12.81 21.09 -1.70
CA PRO B 203 12.35 21.49 -3.04
C PRO B 203 13.33 22.43 -3.73
N VAL B 204 13.41 22.29 -5.06
CA VAL B 204 14.29 23.12 -5.88
C VAL B 204 13.46 24.19 -6.56
N THR B 205 13.88 25.45 -6.44
CA THR B 205 13.17 26.57 -7.05
C THR B 205 14.02 27.21 -8.13
N LYS B 206 13.46 27.33 -9.32
CA LYS B 206 14.09 28.08 -10.40
C LYS B 206 13.22 29.30 -10.68
N SER B 207 13.85 30.46 -10.83
CA SER B 207 13.08 31.69 -10.99
C SER B 207 13.84 32.69 -11.84
N PHE B 208 13.11 33.68 -12.34
CA PHE B 208 13.69 34.82 -13.03
C PHE B 208 12.84 36.05 -12.76
N ASN B 209 13.45 37.22 -12.95
CA ASN B 209 12.76 38.50 -12.87
C ASN B 209 12.49 39.00 -14.27
N ARG B 210 11.23 39.32 -14.56
CA ARG B 210 10.88 39.80 -15.89
C ARG B 210 11.72 41.03 -16.24
N GLY B 211 12.29 41.02 -17.45
CA GLY B 211 13.13 42.12 -17.87
C GLY B 211 14.47 42.20 -17.18
N GLU B 212 15.04 41.06 -16.78
CA GLU B 212 16.37 41.04 -16.18
C GLU B 212 17.14 39.80 -16.64
N GLU C 1 -3.24 13.88 41.85
CA GLU C 1 -4.36 14.31 42.68
C GLU C 1 -5.67 13.68 42.21
N VAL C 2 -5.84 13.56 40.89
CA VAL C 2 -6.99 12.87 40.33
C VAL C 2 -6.69 11.38 40.27
N GLN C 3 -7.64 10.56 40.71
CA GLN C 3 -7.52 9.10 40.74
C GLN C 3 -8.78 8.45 40.19
N LEU C 4 -8.60 7.43 39.36
CA LEU C 4 -9.67 6.50 38.96
C LEU C 4 -9.23 5.11 39.39
N VAL C 5 -9.96 4.52 40.33
CA VAL C 5 -9.63 3.21 40.87
C VAL C 5 -10.75 2.22 40.51
N GLN C 6 -10.38 1.16 39.79
CA GLN C 6 -11.36 0.15 39.38
C GLN C 6 -11.38 -1.02 40.36
N SER C 7 -12.43 -1.82 40.26
CA SER C 7 -12.55 -3.04 41.05
C SER C 7 -11.66 -4.15 40.48
N GLY C 8 -11.57 -5.26 41.22
CA GLY C 8 -10.57 -6.28 40.92
C GLY C 8 -10.97 -7.24 39.80
N ALA C 9 -10.03 -8.13 39.47
CA ALA C 9 -10.21 -9.06 38.37
C ALA C 9 -11.35 -10.04 38.65
N GLU C 10 -11.97 -10.53 37.57
CA GLU C 10 -13.10 -11.45 37.69
C GLU C 10 -12.94 -12.59 36.70
N VAL C 11 -13.37 -13.78 37.11
CA VAL C 11 -13.49 -14.95 36.24
C VAL C 11 -14.96 -15.34 36.18
N LYS C 12 -15.49 -15.46 34.96
CA LYS C 12 -16.92 -15.65 34.77
C LYS C 12 -17.18 -16.81 33.82
N LYS C 13 -18.35 -17.49 34.02
CA LYS C 13 -18.76 -18.50 33.06
C LYS C 13 -19.54 -17.87 31.93
N PRO C 14 -19.50 -18.46 30.73
CA PRO C 14 -20.27 -17.92 29.61
C PRO C 14 -21.76 -17.85 29.96
N GLY C 15 -22.39 -16.74 29.57
CA GLY C 15 -23.77 -16.47 29.91
C GLY C 15 -23.96 -15.58 31.13
N ALA C 16 -22.98 -15.52 32.03
CA ALA C 16 -23.08 -14.68 33.21
C ALA C 16 -22.89 -13.20 32.84
N SER C 17 -22.98 -12.35 33.85
CA SER C 17 -22.76 -10.91 33.72
C SER C 17 -21.66 -10.50 34.68
N VAL C 18 -21.00 -9.39 34.36
CA VAL C 18 -20.03 -8.79 35.25
C VAL C 18 -20.32 -7.31 35.36
N LYS C 19 -20.09 -6.75 36.55
CA LYS C 19 -20.26 -5.32 36.78
C LYS C 19 -18.96 -4.79 37.39
N VAL C 20 -18.28 -3.92 36.64
CA VAL C 20 -16.99 -3.35 37.03
C VAL C 20 -17.21 -1.94 37.56
N SER C 21 -16.55 -1.60 38.65
CA SER C 21 -16.67 -0.26 39.22
C SER C 21 -15.44 0.60 38.92
N CYS C 22 -15.64 1.91 39.04
CA CYS C 22 -14.63 2.92 38.71
C CYS C 22 -14.93 4.10 39.63
N LYS C 23 -14.15 4.26 40.70
CA LYS C 23 -14.38 5.33 41.65
C LYS C 23 -13.46 6.49 41.35
N ALA C 24 -14.05 7.68 41.19
CA ALA C 24 -13.32 8.89 40.84
C ALA C 24 -13.12 9.77 42.08
N SER C 25 -11.93 10.37 42.18
CA SER C 25 -11.62 11.25 43.28
C SER C 25 -10.70 12.36 42.78
N GLY C 26 -10.76 13.50 43.44
CA GLY C 26 -9.85 14.60 43.17
C GLY C 26 -10.38 15.71 42.29
N TYR C 27 -11.66 15.69 41.94
CA TYR C 27 -12.21 16.69 41.04
C TYR C 27 -13.73 16.61 41.14
N THR C 28 -14.40 17.65 40.63
CA THR C 28 -15.86 17.67 40.62
C THR C 28 -16.42 16.53 39.76
N PHE C 29 -17.00 15.53 40.41
CA PHE C 29 -17.42 14.30 39.75
C PHE C 29 -18.36 14.58 38.58
N THR C 30 -19.30 15.52 38.73
CA THR C 30 -20.32 15.77 37.73
C THR C 30 -19.85 16.66 36.58
N ASP C 31 -18.58 17.08 36.56
CA ASP C 31 -18.08 18.00 35.53
C ASP C 31 -17.55 17.29 34.28
N TYR C 32 -17.32 15.97 34.33
CA TYR C 32 -16.60 15.27 33.28
C TYR C 32 -17.33 13.98 32.92
N TRP C 33 -17.50 13.72 31.62
CA TRP C 33 -17.94 12.39 31.20
C TRP C 33 -16.86 11.36 31.49
N ILE C 34 -17.29 10.11 31.72
CA ILE C 34 -16.40 8.97 31.87
C ILE C 34 -16.75 7.95 30.78
N TYR C 35 -15.72 7.36 30.16
CA TYR C 35 -15.95 6.36 29.12
C TYR C 35 -15.15 5.09 29.43
N TRP C 36 -15.44 4.02 28.67
CA TRP C 36 -14.81 2.73 28.88
C TRP C 36 -14.26 2.21 27.57
N VAL C 37 -13.10 1.56 27.68
CA VAL C 37 -12.36 0.96 26.57
C VAL C 37 -11.93 -0.42 27.03
N ARG C 38 -11.99 -1.40 26.12
CA ARG C 38 -11.50 -2.73 26.47
C ARG C 38 -10.41 -3.15 25.50
N GLN C 39 -9.55 -4.05 25.98
CA GLN C 39 -8.40 -4.51 25.22
C GLN C 39 -8.28 -6.02 25.42
N ALA C 40 -8.59 -6.77 24.37
CA ALA C 40 -8.46 -8.22 24.45
C ALA C 40 -6.98 -8.58 24.48
N PRO C 41 -6.63 -9.72 25.11
CA PRO C 41 -5.21 -10.07 25.24
C PRO C 41 -4.45 -10.00 23.92
N GLY C 42 -3.44 -9.13 23.87
CA GLY C 42 -2.63 -8.92 22.69
C GLY C 42 -3.26 -8.08 21.60
N GLN C 43 -4.47 -7.56 21.80
CA GLN C 43 -5.24 -6.89 20.76
C GLN C 43 -5.17 -5.37 20.90
N GLY C 44 -5.93 -4.66 20.06
CA GLY C 44 -6.02 -3.22 20.11
C GLY C 44 -7.07 -2.73 21.08
N LEU C 45 -7.41 -1.44 20.96
CA LEU C 45 -8.38 -0.78 21.83
C LEU C 45 -9.75 -0.71 21.17
N GLU C 46 -10.79 -0.92 21.98
CA GLU C 46 -12.18 -0.89 21.52
C GLU C 46 -13.01 -0.01 22.44
N TRP C 47 -13.65 1.01 21.88
CA TRP C 47 -14.52 1.92 22.64
C TRP C 47 -15.86 1.25 22.93
N MET C 48 -16.25 1.25 24.20
CA MET C 48 -17.49 0.62 24.65
C MET C 48 -18.65 1.59 24.81
N GLY C 49 -18.37 2.81 25.25
CA GLY C 49 -19.42 3.77 25.51
C GLY C 49 -18.98 4.81 26.51
N THR C 50 -19.91 5.71 26.83
CA THR C 50 -19.60 6.83 27.71
C THR C 50 -20.86 7.23 28.47
N ILE C 51 -20.66 7.82 29.66
CA ILE C 51 -21.76 8.29 30.51
C ILE C 51 -21.49 9.73 30.94
N ASP C 52 -22.53 10.55 30.89
CA ASP C 52 -22.52 11.90 31.46
C ASP C 52 -22.88 11.77 32.94
N THR C 53 -21.90 12.03 33.80
CA THR C 53 -22.12 11.85 35.25
C THR C 53 -23.09 12.86 35.84
N SER C 54 -23.37 13.97 35.15
CA SER C 54 -24.31 14.92 35.72
C SER C 54 -25.75 14.42 35.63
N ASP C 55 -26.19 14.03 34.43
CA ASP C 55 -27.60 13.70 34.20
C ASP C 55 -27.87 12.27 33.74
N HIS C 56 -26.85 11.41 33.69
CA HIS C 56 -26.97 9.99 33.36
C HIS C 56 -27.20 9.71 31.88
N LYS C 57 -27.05 10.71 31.00
CA LYS C 57 -26.99 10.44 29.56
C LYS C 57 -25.90 9.43 29.24
N THR C 58 -26.19 8.48 28.34
CA THR C 58 -25.20 7.49 27.90
C THR C 58 -25.23 7.33 26.38
N SER C 59 -24.14 6.81 25.85
CA SER C 59 -24.09 6.35 24.46
C SER C 59 -23.15 5.16 24.38
N TYR C 60 -23.56 4.12 23.64
CA TYR C 60 -22.80 2.86 23.62
C TYR C 60 -22.42 2.47 22.20
N ASN C 61 -21.35 1.67 22.11
CA ASN C 61 -20.97 1.06 20.85
C ASN C 61 -22.00 0.00 20.51
N GLN C 62 -22.56 0.06 19.30
CA GLN C 62 -23.64 -0.86 18.94
C GLN C 62 -23.18 -2.31 18.82
N LYS C 63 -21.87 -2.57 18.72
CA LYS C 63 -21.38 -3.94 18.63
C LYS C 63 -21.69 -4.76 19.89
N PHE C 64 -22.09 -4.12 20.98
CA PHE C 64 -22.40 -4.82 22.22
C PHE C 64 -23.90 -5.08 22.42
N ARG C 65 -24.73 -4.72 21.43
CA ARG C 65 -26.16 -5.05 21.39
C ARG C 65 -26.83 -5.10 22.75
N GLY C 66 -26.82 -3.98 23.47
CA GLY C 66 -27.53 -3.92 24.73
C GLY C 66 -26.93 -4.72 25.86
N ARG C 67 -25.77 -5.34 25.65
CA ARG C 67 -25.13 -6.05 26.74
C ARG C 67 -24.41 -5.10 27.70
N VAL C 68 -24.13 -3.87 27.27
CA VAL C 68 -23.40 -2.90 28.08
C VAL C 68 -24.40 -1.89 28.66
N THR C 69 -24.32 -1.69 29.96
CA THR C 69 -25.09 -0.65 30.66
C THR C 69 -24.15 0.09 31.59
N MET C 70 -24.12 1.42 31.47
CA MET C 70 -23.30 2.26 32.34
C MET C 70 -24.19 3.04 33.29
N THR C 71 -23.81 3.08 34.57
CA THR C 71 -24.58 3.76 35.59
C THR C 71 -23.63 4.61 36.43
N ARG C 72 -24.19 5.55 37.19
CA ARG C 72 -23.36 6.36 38.07
C ARG C 72 -24.09 6.61 39.39
N ASP C 73 -23.30 6.72 40.46
CA ASP C 73 -23.79 7.04 41.80
C ASP C 73 -23.02 8.27 42.28
N THR C 74 -23.70 9.42 42.34
CA THR C 74 -22.97 10.64 42.72
C THR C 74 -22.56 10.62 44.18
N SER C 75 -23.32 9.93 45.05
CA SER C 75 -23.01 9.95 46.48
C SER C 75 -21.67 9.27 46.77
N THR C 76 -21.28 8.32 45.93
CA THR C 76 -19.99 7.64 46.08
C THR C 76 -19.04 7.94 44.94
N SER C 77 -19.41 8.86 44.03
CA SER C 77 -18.55 9.27 42.91
C SER C 77 -18.03 8.07 42.12
N THR C 78 -18.93 7.13 41.81
CA THR C 78 -18.56 5.87 41.17
C THR C 78 -19.38 5.66 39.91
N VAL C 79 -18.71 5.18 38.86
CA VAL C 79 -19.35 4.77 37.61
C VAL C 79 -19.23 3.25 37.49
N TYR C 80 -20.28 2.61 37.00
CA TYR C 80 -20.31 1.16 36.83
C TYR C 80 -20.52 0.82 35.36
N MET C 81 -19.84 -0.22 34.90
CA MET C 81 -20.05 -0.80 33.59
C MET C 81 -20.47 -2.24 33.80
N GLU C 82 -21.68 -2.59 33.38
CA GLU C 82 -22.15 -3.96 33.45
C GLU C 82 -22.21 -4.53 32.05
N LEU C 83 -21.57 -5.68 31.84
CA LEU C 83 -21.58 -6.39 30.57
C LEU C 83 -22.29 -7.72 30.79
N SER C 84 -23.38 -7.95 30.06
CA SER C 84 -24.23 -9.12 30.25
C SER C 84 -23.99 -10.15 29.14
N SER C 85 -24.55 -11.35 29.35
CA SER C 85 -24.47 -12.48 28.41
C SER C 85 -23.03 -12.70 27.92
N LEU C 86 -22.15 -12.96 28.87
CA LEU C 86 -20.72 -12.98 28.57
C LEU C 86 -20.38 -14.16 27.68
N ARG C 87 -19.52 -13.91 26.69
CA ARG C 87 -18.96 -14.93 25.82
C ARG C 87 -17.45 -14.98 26.02
N SER C 88 -16.85 -16.09 25.58
CA SER C 88 -15.40 -16.24 25.71
C SER C 88 -14.67 -15.05 25.09
N GLU C 89 -15.20 -14.52 23.98
CA GLU C 89 -14.60 -13.40 23.27
C GLU C 89 -14.59 -12.11 24.07
N ASP C 90 -15.29 -12.05 25.20
CA ASP C 90 -15.29 -10.87 26.06
C ASP C 90 -14.11 -10.85 27.03
N THR C 91 -13.27 -11.89 27.04
CA THR C 91 -12.06 -11.88 27.84
C THR C 91 -11.17 -10.72 27.40
N ALA C 92 -10.85 -9.84 28.35
CA ALA C 92 -10.18 -8.58 28.02
C ALA C 92 -9.85 -7.84 29.31
N VAL C 93 -8.97 -6.84 29.18
CA VAL C 93 -8.78 -5.83 30.22
C VAL C 93 -9.73 -4.66 29.93
N TYR C 94 -10.49 -4.26 30.94
CA TYR C 94 -11.50 -3.21 30.79
C TYR C 94 -11.01 -1.96 31.54
N TYR C 95 -10.94 -0.84 30.83
CA TYR C 95 -10.47 0.43 31.39
C TYR C 95 -11.61 1.44 31.47
N CYS C 96 -11.66 2.21 32.55
CA CYS C 96 -12.45 3.42 32.57
C CYS C 96 -11.51 4.61 32.42
N ALA C 97 -12.03 5.69 31.82
CA ALA C 97 -11.20 6.85 31.53
C ALA C 97 -12.05 8.10 31.67
N ARG C 98 -11.41 9.18 32.11
CA ARG C 98 -12.08 10.48 32.24
C ARG C 98 -11.83 11.29 30.98
N ASP C 99 -12.88 11.91 30.45
CA ASP C 99 -12.71 12.81 29.32
C ASP C 99 -11.85 14.02 29.73
N PHE C 100 -11.31 14.69 28.73
CA PHE C 100 -10.57 15.91 28.95
C PHE C 100 -11.43 17.12 28.57
N ILE C 101 -11.08 18.28 29.13
CA ILE C 101 -11.72 19.55 28.81
C ILE C 101 -10.67 20.44 28.15
N ILE C 102 -10.99 20.95 26.96
CA ILE C 102 -10.10 21.90 26.29
C ILE C 102 -10.37 23.29 26.83
N THR C 103 -9.32 23.95 27.31
CA THR C 103 -9.39 25.36 27.70
C THR C 103 -8.14 26.06 27.16
N VAL C 104 -8.18 27.39 27.20
CA VAL C 104 -7.05 28.19 26.75
C VAL C 104 -5.94 28.19 27.81
N ASN C 105 -6.30 28.41 29.08
CA ASN C 105 -5.36 28.77 30.11
C ASN C 105 -5.11 27.68 31.15
N TYR C 106 -5.70 26.49 31.00
CA TYR C 106 -5.50 25.46 32.00
C TYR C 106 -5.09 24.15 31.31
N PRO C 107 -4.39 23.26 32.02
CA PRO C 107 -3.88 22.05 31.37
C PRO C 107 -4.99 21.21 30.79
N VAL C 108 -4.71 20.60 29.64
CA VAL C 108 -5.61 19.63 29.02
C VAL C 108 -5.01 18.25 29.26
N VAL C 109 -5.64 17.49 30.14
CA VAL C 109 -5.09 16.23 30.63
C VAL C 109 -6.25 15.25 30.78
N ASP C 110 -5.98 13.97 30.50
CA ASP C 110 -6.94 12.94 30.84
C ASP C 110 -6.35 12.02 31.90
N TYR C 111 -7.21 11.14 32.40
CA TYR C 111 -6.87 10.21 33.46
C TYR C 111 -7.55 8.88 33.17
N TRP C 112 -6.84 7.79 33.46
CA TRP C 112 -7.34 6.44 33.24
C TRP C 112 -7.31 5.63 34.52
N GLY C 113 -8.26 4.71 34.64
CA GLY C 113 -8.19 3.71 35.69
C GLY C 113 -7.07 2.73 35.40
N GLN C 114 -6.82 1.87 36.40
CA GLN C 114 -5.72 0.91 36.26
C GLN C 114 -6.10 -0.30 35.41
N GLY C 115 -7.37 -0.50 35.12
CA GLY C 115 -7.82 -1.62 34.32
C GLY C 115 -8.33 -2.78 35.17
N THR C 116 -9.24 -3.56 34.60
CA THR C 116 -9.85 -4.70 35.25
C THR C 116 -9.82 -5.87 34.27
N LEU C 117 -9.13 -6.95 34.64
CA LEU C 117 -9.10 -8.14 33.80
C LEU C 117 -10.37 -8.96 34.02
N VAL C 118 -11.04 -9.33 32.93
CA VAL C 118 -12.21 -10.20 32.98
C VAL C 118 -11.94 -11.40 32.08
N THR C 119 -11.91 -12.59 32.67
CA THR C 119 -11.72 -13.84 31.95
C THR C 119 -13.05 -14.59 31.90
N VAL C 120 -13.49 -14.94 30.69
CA VAL C 120 -14.76 -15.65 30.49
C VAL C 120 -14.44 -17.02 29.90
N SER C 121 -14.81 -18.08 30.61
CA SER C 121 -14.46 -19.43 30.20
C SER C 121 -15.35 -20.47 30.86
N SER C 122 -15.60 -21.56 30.13
CA SER C 122 -16.29 -22.72 30.69
C SER C 122 -15.40 -23.57 31.59
N ALA C 123 -14.08 -23.38 31.53
CA ALA C 123 -13.15 -24.20 32.30
C ALA C 123 -13.31 -23.96 33.80
N SER C 124 -12.97 -24.97 34.57
CA SER C 124 -12.90 -24.86 36.02
C SER C 124 -11.44 -24.88 36.48
N THR C 125 -11.23 -24.33 37.67
CA THR C 125 -9.88 -24.21 38.24
C THR C 125 -9.15 -25.55 38.16
N LYS C 126 -7.89 -25.50 37.74
CA LYS C 126 -7.07 -26.70 37.63
C LYS C 126 -5.60 -26.33 37.69
N GLY C 127 -4.84 -27.00 38.54
CA GLY C 127 -3.41 -26.80 38.64
C GLY C 127 -2.64 -27.50 37.54
N PRO C 128 -1.40 -27.05 37.29
CA PRO C 128 -0.65 -27.57 36.15
C PRO C 128 0.05 -28.89 36.40
N SER C 129 0.27 -29.62 35.31
CA SER C 129 1.30 -30.64 35.24
C SER C 129 2.61 -29.97 34.84
N VAL C 130 3.71 -30.40 35.42
CA VAL C 130 5.03 -29.81 35.17
C VAL C 130 5.94 -30.89 34.59
N PHE C 131 6.46 -30.66 33.39
CA PHE C 131 7.26 -31.67 32.71
C PHE C 131 8.65 -31.13 32.39
N PRO C 132 9.69 -31.96 32.48
CA PRO C 132 11.05 -31.48 32.17
C PRO C 132 11.24 -31.23 30.68
N LEU C 133 11.96 -30.15 30.37
CA LEU C 133 12.54 -29.91 29.05
C LEU C 133 14.02 -30.24 29.20
N ALA C 134 14.38 -31.51 28.90
CA ALA C 134 15.69 -32.00 29.32
C ALA C 134 16.79 -31.55 28.36
N PRO C 135 17.96 -31.22 28.88
CA PRO C 135 19.07 -30.82 28.02
C PRO C 135 19.52 -31.97 27.12
N SER C 136 19.86 -31.63 25.87
CA SER C 136 20.33 -32.61 24.90
C SER C 136 21.72 -33.15 25.25
N SER C 141 29.39 -30.55 23.36
CA SER C 141 29.78 -30.94 24.71
C SER C 141 30.43 -29.77 25.46
N GLY C 142 30.33 -28.57 24.88
CA GLY C 142 30.88 -27.38 25.50
C GLY C 142 30.02 -26.18 25.21
N GLY C 143 30.48 -25.01 25.66
CA GLY C 143 29.67 -23.83 25.48
C GLY C 143 28.46 -23.85 26.40
N THR C 144 27.30 -23.50 25.87
CA THR C 144 26.10 -23.38 26.69
C THR C 144 25.01 -24.30 26.17
N ALA C 145 24.04 -24.58 27.04
CA ALA C 145 22.94 -25.50 26.76
C ALA C 145 21.68 -24.97 27.41
N ALA C 146 20.53 -25.27 26.80
CA ALA C 146 19.25 -24.85 27.34
C ALA C 146 18.50 -26.03 27.96
N LEU C 147 17.73 -25.73 29.01
CA LEU C 147 16.84 -26.69 29.64
C LEU C 147 15.66 -25.92 30.17
N GLY C 148 14.60 -26.63 30.57
CA GLY C 148 13.48 -25.89 31.10
C GLY C 148 12.39 -26.77 31.66
N CYS C 149 11.23 -26.14 31.84
CA CYS C 149 10.02 -26.78 32.37
C CYS C 149 8.82 -26.40 31.51
N LEU C 150 8.05 -27.41 31.13
CA LEU C 150 6.76 -27.21 30.48
C LEU C 150 5.66 -27.27 31.55
N VAL C 151 4.90 -26.19 31.66
CA VAL C 151 3.87 -26.02 32.67
C VAL C 151 2.52 -26.06 31.95
N LYS C 152 1.87 -27.22 31.96
CA LYS C 152 0.80 -27.49 31.01
C LYS C 152 -0.54 -27.70 31.71
N ASP C 153 -1.60 -27.23 31.05
CA ASP C 153 -2.99 -27.59 31.38
C ASP C 153 -3.44 -27.02 32.71
N TYR C 154 -3.41 -25.69 32.85
CA TYR C 154 -3.90 -25.05 34.05
C TYR C 154 -4.92 -23.96 33.71
N PHE C 155 -5.70 -23.58 34.72
CA PHE C 155 -6.69 -22.52 34.59
C PHE C 155 -7.06 -22.02 35.98
N PRO C 156 -7.25 -20.71 36.17
CA PRO C 156 -6.98 -19.62 35.21
C PRO C 156 -5.53 -19.14 35.34
N GLU C 157 -5.16 -18.09 34.59
CA GLU C 157 -3.87 -17.44 34.81
C GLU C 157 -3.85 -16.82 36.20
N PRO C 158 -2.65 -16.61 36.77
CA PRO C 158 -1.30 -16.88 36.28
C PRO C 158 -0.61 -18.04 36.98
N VAL C 159 0.55 -18.43 36.43
CA VAL C 159 1.54 -19.23 37.16
C VAL C 159 2.79 -18.38 37.30
N THR C 160 3.58 -18.66 38.33
CA THR C 160 4.91 -18.09 38.46
C THR C 160 5.93 -19.22 38.42
N VAL C 161 7.07 -18.95 37.80
CA VAL C 161 8.16 -19.91 37.72
C VAL C 161 9.44 -19.24 38.22
N SER C 162 10.20 -19.97 39.03
CA SER C 162 11.54 -19.57 39.43
C SER C 162 12.48 -20.74 39.21
N TRP C 163 13.78 -20.47 39.27
CA TRP C 163 14.79 -21.49 39.06
C TRP C 163 15.72 -21.57 40.26
N ASN C 164 15.88 -22.79 40.79
CA ASN C 164 16.72 -23.04 41.96
C ASN C 164 16.38 -22.08 43.08
N SER C 165 15.07 -21.85 43.26
CA SER C 165 14.51 -20.97 44.30
C SER C 165 15.14 -19.58 44.25
N GLY C 166 15.07 -18.96 43.07
CA GLY C 166 15.55 -17.61 42.91
C GLY C 166 17.05 -17.45 42.82
N ALA C 167 17.82 -18.52 43.00
CA ALA C 167 19.27 -18.42 42.85
C ALA C 167 19.66 -18.20 41.40
N LEU C 168 19.02 -18.92 40.48
CA LEU C 168 19.36 -18.90 39.07
C LEU C 168 18.42 -17.91 38.37
N THR C 169 18.98 -16.81 37.88
CA THR C 169 18.20 -15.79 37.16
C THR C 169 18.78 -15.41 35.81
N SER C 170 20.09 -15.56 35.58
CA SER C 170 20.67 -15.18 34.30
C SER C 170 20.26 -16.18 33.23
N GLY C 171 19.85 -15.65 32.08
CA GLY C 171 19.48 -16.51 30.96
C GLY C 171 18.12 -17.16 31.07
N VAL C 172 17.26 -16.69 31.96
CA VAL C 172 15.92 -17.26 32.11
C VAL C 172 14.95 -16.52 31.19
N HIS C 173 14.08 -17.27 30.52
CA HIS C 173 12.93 -16.74 29.79
C HIS C 173 11.71 -17.53 30.17
N THR C 174 10.68 -16.85 30.67
CA THR C 174 9.40 -17.48 30.92
C THR C 174 8.38 -16.92 29.93
N PHE C 175 7.84 -17.78 29.08
CA PHE C 175 7.06 -17.29 27.97
C PHE C 175 5.64 -16.95 28.40
N PRO C 176 4.97 -16.05 27.68
CA PRO C 176 3.54 -15.84 27.92
C PRO C 176 2.76 -17.11 27.67
N ALA C 177 1.75 -17.33 28.50
CA ALA C 177 0.89 -18.50 28.37
C ALA C 177 0.09 -18.45 27.06
N VAL C 178 -0.15 -19.63 26.49
CA VAL C 178 -1.04 -19.77 25.33
C VAL C 178 -2.30 -20.50 25.79
N LEU C 179 -3.44 -20.09 25.27
CA LEU C 179 -4.71 -20.76 25.55
C LEU C 179 -4.89 -21.89 24.52
N GLN C 180 -4.96 -23.12 25.01
CA GLN C 180 -5.08 -24.25 24.09
C GLN C 180 -6.53 -24.49 23.70
N SER C 181 -6.72 -25.30 22.64
CA SER C 181 -8.05 -25.58 22.15
C SER C 181 -8.93 -26.22 23.21
N SER C 182 -8.32 -26.93 24.16
CA SER C 182 -9.01 -27.50 25.32
C SER C 182 -9.57 -26.45 26.28
N GLY C 183 -9.15 -25.20 26.17
CA GLY C 183 -9.56 -24.19 27.12
C GLY C 183 -8.63 -24.02 28.31
N LEU C 184 -7.56 -24.79 28.39
CA LEU C 184 -6.58 -24.67 29.46
C LEU C 184 -5.32 -24.00 28.94
N TYR C 185 -4.58 -23.38 29.84
CA TYR C 185 -3.37 -22.64 29.50
C TYR C 185 -2.12 -23.53 29.58
N SER C 186 -1.07 -23.08 28.90
CA SER C 186 0.22 -23.78 28.93
C SER C 186 1.32 -22.76 28.67
N LEU C 187 2.46 -22.95 29.33
CA LEU C 187 3.63 -22.13 29.03
C LEU C 187 4.88 -22.92 29.34
N SER C 188 6.01 -22.42 28.83
CA SER C 188 7.31 -22.97 29.15
C SER C 188 8.19 -21.91 29.81
N SER C 189 9.07 -22.38 30.68
CA SER C 189 10.15 -21.55 31.22
C SER C 189 11.47 -22.24 30.92
N VAL C 190 12.46 -21.47 30.45
CA VAL C 190 13.72 -22.04 30.01
C VAL C 190 14.88 -21.23 30.57
N VAL C 191 16.05 -21.85 30.58
CA VAL C 191 17.27 -21.22 31.09
C VAL C 191 18.45 -21.78 30.31
N THR C 192 19.39 -20.91 29.96
CA THR C 192 20.63 -21.32 29.30
C THR C 192 21.74 -21.40 30.34
N VAL C 193 22.42 -22.54 30.41
CA VAL C 193 23.45 -22.79 31.42
C VAL C 193 24.72 -23.30 30.76
N PRO C 194 25.87 -23.32 31.45
CA PRO C 194 27.07 -23.96 30.88
C PRO C 194 26.86 -25.46 30.70
N SER C 195 27.25 -25.97 29.53
CA SER C 195 27.08 -27.39 29.24
C SER C 195 27.89 -28.28 30.18
N SER C 196 29.06 -27.82 30.63
CA SER C 196 29.86 -28.65 31.55
C SER C 196 29.26 -28.70 32.95
N SER C 197 28.27 -27.87 33.25
CA SER C 197 27.57 -27.93 34.52
C SER C 197 26.49 -29.02 34.54
N LEU C 198 26.12 -29.54 33.37
CA LEU C 198 25.06 -30.54 33.32
C LEU C 198 25.55 -31.82 33.98
N GLY C 199 24.84 -32.29 35.00
CA GLY C 199 25.20 -33.49 35.71
C GLY C 199 25.93 -33.25 37.02
N THR C 200 26.62 -32.12 37.17
CA THR C 200 27.29 -31.80 38.43
C THR C 200 26.61 -30.66 39.17
N GLN C 201 25.59 -30.05 38.59
CA GLN C 201 24.78 -29.05 39.26
C GLN C 201 23.32 -29.41 39.12
N THR C 202 22.55 -29.13 40.16
CA THR C 202 21.11 -29.39 40.16
C THR C 202 20.36 -28.17 39.63
N TYR C 203 19.38 -28.43 38.77
CA TYR C 203 18.50 -27.38 38.26
C TYR C 203 17.06 -27.81 38.53
N ILE C 204 16.34 -26.98 39.27
CA ILE C 204 14.97 -27.24 39.66
C ILE C 204 14.14 -26.02 39.34
N CYS C 205 12.98 -26.22 38.71
CA CYS C 205 12.05 -25.12 38.45
C CYS C 205 10.96 -25.15 39.51
N ASN C 206 10.66 -23.99 40.07
CA ASN C 206 9.68 -23.87 41.16
C ASN C 206 8.44 -23.20 40.59
N VAL C 207 7.39 -23.98 40.42
CA VAL C 207 6.16 -23.55 39.77
C VAL C 207 5.09 -23.33 40.84
N ASN C 208 4.34 -22.24 40.70
CA ASN C 208 3.33 -21.84 41.68
C ASN C 208 2.07 -21.38 40.94
N HIS C 209 0.95 -22.08 41.18
CA HIS C 209 -0.35 -21.70 40.64
C HIS C 209 -1.29 -21.45 41.82
N LYS C 210 -1.36 -20.20 42.27
CA LYS C 210 -2.16 -19.88 43.44
C LYS C 210 -3.64 -20.22 43.28
N PRO C 211 -4.30 -19.91 42.15
CA PRO C 211 -5.74 -20.23 42.04
C PRO C 211 -6.10 -21.68 42.35
N SER C 212 -5.19 -22.62 42.15
CA SER C 212 -5.42 -24.01 42.52
C SER C 212 -4.69 -24.41 43.79
N ASN C 213 -3.94 -23.50 44.40
CA ASN C 213 -3.04 -23.78 45.53
C ASN C 213 -2.23 -25.04 45.28
N THR C 214 -1.47 -25.01 44.20
CA THR C 214 -0.52 -26.06 43.87
C THR C 214 0.86 -25.45 43.74
N LYS C 215 1.86 -26.18 44.23
CA LYS C 215 3.27 -25.81 44.15
C LYS C 215 4.05 -27.05 43.75
N VAL C 216 4.86 -26.95 42.70
CA VAL C 216 5.64 -28.07 42.20
C VAL C 216 7.08 -27.62 42.01
N ASP C 217 8.02 -28.41 42.52
CA ASP C 217 9.44 -28.25 42.24
C ASP C 217 9.90 -29.45 41.44
N LYS C 218 10.36 -29.22 40.21
CA LYS C 218 10.71 -30.28 39.27
C LYS C 218 12.20 -30.24 38.97
N LYS C 219 12.87 -31.36 39.21
CA LYS C 219 14.28 -31.48 38.86
C LYS C 219 14.39 -31.82 37.38
N VAL C 220 15.19 -31.04 36.66
CA VAL C 220 15.40 -31.19 35.22
C VAL C 220 16.80 -31.75 35.03
N GLU C 221 16.90 -32.99 34.57
CA GLU C 221 18.18 -33.66 34.40
C GLU C 221 18.35 -34.10 32.95
N PRO C 222 19.59 -34.43 32.52
CA PRO C 222 19.79 -34.99 31.17
C PRO C 222 19.11 -36.35 30.99
N GLN D 1 -18.18 3.45 13.16
CA GLN D 1 -17.75 2.42 12.23
C GLN D 1 -16.73 2.96 11.23
N ILE D 2 -16.21 4.16 11.49
CA ILE D 2 -15.14 4.69 10.64
C ILE D 2 -13.87 3.89 10.92
N VAL D 3 -13.33 3.25 9.89
CA VAL D 3 -12.13 2.45 10.03
C VAL D 3 -10.90 3.34 9.93
N LEU D 4 -10.04 3.27 10.95
CA LEU D 4 -8.77 3.97 10.96
C LEU D 4 -7.67 2.97 10.65
N THR D 5 -6.90 3.26 9.60
CA THR D 5 -5.84 2.36 9.14
C THR D 5 -4.50 3.01 9.45
N GLN D 6 -3.77 2.42 10.40
CA GLN D 6 -2.46 2.92 10.79
C GLN D 6 -1.36 2.18 10.04
N SER D 7 -0.27 2.90 9.78
CA SER D 7 0.88 2.34 9.10
C SER D 7 2.12 3.12 9.50
N PRO D 8 3.28 2.46 9.62
CA PRO D 8 3.37 0.99 9.46
C PRO D 8 2.87 0.23 10.70
N ALA D 9 2.63 -1.08 10.57
CA ALA D 9 2.29 -1.89 11.73
C ALA D 9 3.37 -1.80 12.80
N THR D 10 4.64 -1.90 12.38
CA THR D 10 5.80 -1.79 13.27
C THR D 10 6.78 -0.81 12.66
N LEU D 11 7.25 0.13 13.45
CA LEU D 11 8.27 1.08 13.05
C LEU D 11 9.50 0.82 13.90
N SER D 12 10.61 0.41 13.27
CA SER D 12 11.84 0.08 13.96
C SER D 12 12.87 1.17 13.74
N LEU D 13 13.27 1.85 14.81
CA LEU D 13 14.16 2.98 14.71
C LEU D 13 15.02 3.04 15.97
N SER D 14 16.13 3.77 15.87
CA SER D 14 17.03 3.99 16.98
C SER D 14 16.82 5.36 17.60
N PRO D 15 17.18 5.54 18.87
CA PRO D 15 17.05 6.86 19.49
C PRO D 15 17.78 7.94 18.69
N GLY D 16 17.21 9.14 18.72
CA GLY D 16 17.71 10.25 17.94
C GLY D 16 17.14 10.35 16.54
N GLU D 17 16.50 9.30 16.05
CA GLU D 17 15.96 9.33 14.70
C GLU D 17 14.58 9.95 14.67
N ARG D 18 14.17 10.33 13.46
CA ARG D 18 12.85 10.90 13.21
C ARG D 18 11.84 9.80 12.89
N ALA D 19 10.67 9.87 13.52
CA ALA D 19 9.61 8.87 13.38
C ALA D 19 8.37 9.52 12.79
N THR D 20 7.80 8.92 11.76
CA THR D 20 6.58 9.40 11.12
C THR D 20 5.54 8.28 11.12
N LEU D 21 4.43 8.51 11.82
CA LEU D 21 3.36 7.53 11.99
C LEU D 21 2.12 8.06 11.29
N SER D 22 1.47 7.19 10.53
CA SER D 22 0.36 7.59 9.67
C SER D 22 -0.92 6.90 10.09
N CYS D 23 -2.02 7.63 9.96
CA CYS D 23 -3.36 7.12 10.26
C CYS D 23 -4.30 7.68 9.20
N SER D 24 -4.93 6.80 8.44
CA SER D 24 -5.81 7.19 7.35
C SER D 24 -7.24 6.74 7.66
N ALA D 25 -8.19 7.67 7.59
CA ALA D 25 -9.57 7.39 7.97
C ALA D 25 -10.39 7.01 6.73
N GLY D 26 -11.28 6.04 6.90
CA GLY D 26 -12.16 5.60 5.83
C GLY D 26 -13.13 6.67 5.37
N SER D 27 -13.39 7.68 6.20
CA SER D 27 -14.16 8.84 5.79
C SER D 27 -13.72 10.03 6.63
N SER D 28 -14.08 11.23 6.17
CA SER D 28 -13.56 12.45 6.76
C SER D 28 -13.90 12.52 8.26
N VAL D 29 -12.97 13.08 9.03
CA VAL D 29 -13.20 13.35 10.44
C VAL D 29 -12.76 14.77 10.75
N ASN D 30 -13.38 15.37 11.78
CA ASN D 30 -13.06 16.75 12.10
C ASN D 30 -11.61 16.92 12.58
N TYR D 31 -11.07 15.92 13.28
CA TYR D 31 -9.66 15.91 13.66
C TYR D 31 -9.33 14.55 14.22
N MET D 32 -8.07 14.37 14.62
CA MET D 32 -7.60 13.07 15.07
C MET D 32 -6.91 13.19 16.41
N HIS D 33 -7.19 12.25 17.31
CA HIS D 33 -6.51 12.16 18.59
C HIS D 33 -5.50 11.01 18.57
N TRP D 34 -4.47 11.11 19.41
CA TRP D 34 -3.42 10.09 19.48
C TRP D 34 -3.17 9.69 20.92
N PHE D 35 -3.04 8.38 21.15
CA PHE D 35 -2.77 7.80 22.45
C PHE D 35 -1.50 6.98 22.40
N GLN D 36 -0.75 6.96 23.50
CA GLN D 36 0.48 6.19 23.66
C GLN D 36 0.28 5.14 24.74
N GLN D 37 0.72 3.91 24.47
CA GLN D 37 0.55 2.82 25.43
C GLN D 37 1.82 1.99 25.54
N LYS D 38 2.29 1.82 26.77
CA LYS D 38 3.45 1.01 27.10
C LYS D 38 3.00 -0.27 27.80
N PRO D 39 3.82 -1.34 27.79
CA PRO D 39 3.36 -2.63 28.31
C PRO D 39 2.90 -2.54 29.76
N GLY D 40 1.77 -3.20 30.03
CA GLY D 40 1.19 -3.21 31.37
C GLY D 40 0.60 -1.91 31.85
N GLN D 41 0.49 -0.89 30.99
CA GLN D 41 -0.04 0.40 31.38
C GLN D 41 -1.29 0.74 30.58
N ALA D 42 -2.12 1.62 31.16
CA ALA D 42 -3.23 2.19 30.42
C ALA D 42 -2.71 3.10 29.30
N PRO D 43 -3.49 3.26 28.23
CA PRO D 43 -3.16 4.30 27.24
C PRO D 43 -3.14 5.67 27.89
N ARG D 44 -2.44 6.60 27.22
CA ARG D 44 -2.30 7.96 27.70
C ARG D 44 -2.52 8.90 26.52
N LEU D 45 -3.35 9.91 26.71
CA LEU D 45 -3.55 10.92 25.67
C LEU D 45 -2.26 11.66 25.39
N LEU D 46 -1.91 11.76 24.11
CA LEU D 46 -0.70 12.44 23.65
C LEU D 46 -1.01 13.72 22.89
N ILE D 47 -1.84 13.61 21.85
CA ILE D 47 -2.21 14.69 20.96
C ILE D 47 -3.72 14.74 20.89
N TYR D 48 -4.30 15.92 21.05
CA TYR D 48 -5.73 16.09 20.84
C TYR D 48 -5.98 17.08 19.70
N SER D 49 -7.06 16.85 18.97
CA SER D 49 -7.50 17.75 17.90
C SER D 49 -6.37 18.00 16.91
N THR D 50 -5.78 16.88 16.46
CA THR D 50 -4.82 16.79 15.36
C THR D 50 -3.42 17.30 15.71
N SER D 51 -3.31 18.46 16.34
CA SER D 51 -2.02 19.13 16.47
C SER D 51 -1.67 19.61 17.87
N ASN D 52 -2.54 19.44 18.86
CA ASN D 52 -2.33 20.04 20.17
C ASN D 52 -1.73 19.02 21.13
N LEU D 53 -0.65 19.41 21.81
CA LEU D 53 0.00 18.52 22.75
C LEU D 53 -0.77 18.49 24.06
N ALA D 54 -1.05 17.29 24.55
CA ALA D 54 -1.61 17.14 25.89
C ALA D 54 -0.61 17.66 26.93
N SER D 55 -1.13 17.91 28.13
CA SER D 55 -0.33 18.44 29.23
C SER D 55 0.85 17.53 29.52
N GLY D 56 2.06 18.10 29.50
CA GLY D 56 3.29 17.37 29.80
C GLY D 56 3.99 16.74 28.63
N VAL D 57 3.42 16.77 27.42
CA VAL D 57 3.99 16.08 26.27
C VAL D 57 5.05 16.99 25.64
N PRO D 58 6.29 16.53 25.48
CA PRO D 58 7.34 17.41 24.92
C PRO D 58 7.13 17.69 23.44
N ALA D 59 7.62 18.84 23.00
CA ALA D 59 7.36 19.36 21.66
C ALA D 59 8.20 18.71 20.57
N ARG D 60 9.02 17.71 20.88
CA ARG D 60 9.50 16.85 19.80
C ARG D 60 8.33 16.08 19.16
N PHE D 61 7.22 15.94 19.88
CA PHE D 61 5.98 15.38 19.33
C PHE D 61 5.21 16.46 18.56
N SER D 62 4.64 16.07 17.42
CA SER D 62 3.75 16.98 16.70
C SER D 62 2.76 16.16 15.89
N GLY D 63 1.65 16.80 15.54
CA GLY D 63 0.63 16.15 14.76
C GLY D 63 0.14 17.08 13.68
N SER D 64 -0.40 16.47 12.61
CA SER D 64 -0.90 17.25 11.50
C SER D 64 -1.84 16.38 10.67
N GLY D 65 -2.51 17.02 9.73
CA GLY D 65 -3.42 16.34 8.83
C GLY D 65 -4.74 17.06 8.74
N SER D 66 -5.60 16.51 7.89
CA SER D 66 -6.93 17.06 7.64
C SER D 66 -7.69 16.03 6.82
N GLY D 67 -9.01 16.17 6.80
CA GLY D 67 -9.84 15.27 6.02
C GLY D 67 -9.71 13.82 6.46
N THR D 68 -8.97 13.01 5.69
CA THR D 68 -8.82 11.60 6.00
C THR D 68 -7.39 11.17 6.31
N ASP D 69 -6.41 12.07 6.24
CA ASP D 69 -5.01 11.67 6.37
C ASP D 69 -4.33 12.46 7.47
N TYR D 70 -3.80 11.74 8.46
CA TYR D 70 -3.22 12.33 9.66
C TYR D 70 -1.86 11.70 9.95
N THR D 71 -0.99 12.50 10.55
CA THR D 71 0.37 12.08 10.83
C THR D 71 0.74 12.47 12.25
N LEU D 72 1.46 11.58 12.93
CA LEU D 72 2.15 11.88 14.16
C LEU D 72 3.65 11.77 13.90
N THR D 73 4.39 12.81 14.28
CA THR D 73 5.83 12.88 14.05
C THR D 73 6.55 13.09 15.36
N ILE D 74 7.65 12.36 15.55
CA ILE D 74 8.58 12.60 16.64
C ILE D 74 9.90 13.03 15.98
N SER D 75 10.32 14.28 16.22
CA SER D 75 11.44 14.82 15.47
C SER D 75 12.74 14.07 15.76
N SER D 76 12.94 13.65 17.02
CA SER D 76 14.16 12.97 17.44
C SER D 76 13.78 12.05 18.59
N LEU D 77 13.81 10.73 18.33
CA LEU D 77 13.33 9.74 19.28
C LEU D 77 14.19 9.68 20.55
N GLU D 78 13.52 9.59 21.69
CA GLU D 78 14.11 9.34 22.99
C GLU D 78 13.75 7.94 23.44
N PRO D 79 14.52 7.36 24.38
CA PRO D 79 14.20 5.98 24.83
C PRO D 79 12.79 5.81 25.36
N GLU D 80 12.23 6.83 26.02
CA GLU D 80 10.88 6.72 26.56
C GLU D 80 9.78 6.70 25.50
N ASP D 81 10.12 6.96 24.24
CA ASP D 81 9.11 7.07 23.19
C ASP D 81 8.73 5.73 22.59
N PHE D 82 9.50 4.66 22.83
CA PHE D 82 9.20 3.36 22.23
C PHE D 82 8.01 2.73 22.94
N ALA D 83 6.96 2.45 22.18
CA ALA D 83 5.64 2.10 22.71
C ALA D 83 4.70 1.89 21.55
N VAL D 84 3.43 1.57 21.86
CA VAL D 84 2.39 1.43 20.85
C VAL D 84 1.58 2.73 20.81
N TYR D 85 1.28 3.19 19.60
CA TYR D 85 0.55 4.43 19.39
C TYR D 85 -0.75 4.13 18.68
N TYR D 86 -1.85 4.69 19.19
CA TYR D 86 -3.18 4.50 18.65
C TYR D 86 -3.75 5.85 18.25
N CYS D 87 -4.25 5.96 17.03
CA CYS D 87 -5.07 7.10 16.66
C CYS D 87 -6.54 6.79 17.00
N GLN D 88 -7.31 7.84 17.23
CA GLN D 88 -8.71 7.69 17.61
C GLN D 88 -9.51 8.85 17.03
N GLN D 89 -10.63 8.55 16.39
CA GLN D 89 -11.57 9.56 15.95
C GLN D 89 -12.80 9.57 16.86
N ARG D 90 -13.30 10.77 17.14
CA ARG D 90 -14.54 10.98 17.88
C ARG D 90 -15.51 11.85 17.09
N SER D 91 -15.37 11.81 15.75
CA SER D 91 -16.15 12.65 14.86
C SER D 91 -17.48 12.01 14.51
N SER D 92 -17.55 10.68 14.50
CA SER D 92 -18.79 9.94 14.32
C SER D 92 -18.87 8.83 15.36
N LEU D 93 -20.10 8.38 15.63
CA LEU D 93 -20.34 7.26 16.54
C LEU D 93 -20.39 5.95 15.77
N PRO D 94 -19.84 4.86 16.32
CA PRO D 94 -19.10 4.83 17.59
C PRO D 94 -17.69 5.39 17.43
N PHE D 95 -17.12 5.93 18.50
CA PHE D 95 -15.71 6.33 18.43
C PHE D 95 -14.87 5.10 18.13
N THR D 96 -13.84 5.27 17.31
CA THR D 96 -13.03 4.13 16.89
C THR D 96 -11.54 4.45 17.01
N PHE D 97 -10.76 3.38 17.16
CA PHE D 97 -9.31 3.42 17.23
C PHE D 97 -8.69 2.77 15.99
N GLY D 98 -7.52 3.27 15.59
CA GLY D 98 -6.66 2.50 14.71
C GLY D 98 -6.16 1.23 15.38
N GLN D 99 -5.53 0.37 14.57
CA GLN D 99 -5.06 -0.92 15.08
C GLN D 99 -3.74 -0.81 15.85
N GLY D 100 -3.09 0.34 15.82
CA GLY D 100 -1.87 0.52 16.58
C GLY D 100 -0.63 0.41 15.71
N THR D 101 0.34 1.29 15.97
CA THR D 101 1.68 1.20 15.39
C THR D 101 2.64 0.96 16.55
N LYS D 102 3.43 -0.12 16.46
CA LYS D 102 4.43 -0.44 17.47
C LYS D 102 5.74 0.24 17.07
N LEU D 103 6.16 1.21 17.87
CA LEU D 103 7.43 1.90 17.71
C LEU D 103 8.47 1.11 18.51
N GLU D 104 9.35 0.42 17.80
CA GLU D 104 10.23 -0.59 18.36
C GLU D 104 11.70 -0.17 18.21
N ILE D 105 12.52 -0.55 19.20
CA ILE D 105 13.95 -0.25 19.20
C ILE D 105 14.63 -1.09 18.14
N LYS D 106 15.31 -0.43 17.20
CA LYS D 106 16.16 -1.13 16.24
C LYS D 106 17.53 -1.39 16.87
N ARG D 107 18.06 -2.59 16.62
CA ARG D 107 19.40 -2.97 17.09
C ARG D 107 20.03 -3.88 16.04
N THR D 108 21.31 -4.21 16.27
CA THR D 108 22.04 -5.08 15.37
C THR D 108 21.35 -6.43 15.25
N VAL D 109 21.34 -7.00 14.03
CA VAL D 109 20.76 -8.33 13.82
C VAL D 109 21.44 -9.34 14.73
N ALA D 110 20.62 -10.13 15.45
CA ALA D 110 21.10 -11.19 16.34
C ALA D 110 20.44 -12.51 15.96
N ALA D 111 21.24 -13.49 15.58
CA ALA D 111 20.72 -14.80 15.21
C ALA D 111 20.15 -15.52 16.43
N PRO D 112 19.08 -16.29 16.27
CA PRO D 112 18.56 -17.09 17.39
C PRO D 112 19.52 -18.21 17.78
N SER D 113 19.54 -18.54 19.06
CA SER D 113 20.12 -19.79 19.53
C SER D 113 18.99 -20.81 19.66
N VAL D 114 19.09 -21.95 18.95
CA VAL D 114 17.96 -22.85 18.73
C VAL D 114 18.17 -24.18 19.45
N PHE D 115 17.09 -24.68 20.07
CA PHE D 115 17.10 -25.93 20.82
C PHE D 115 15.77 -26.66 20.63
N ILE D 116 15.83 -27.99 20.60
CA ILE D 116 14.63 -28.84 20.51
C ILE D 116 14.59 -29.75 21.73
N PHE D 117 13.37 -30.01 22.23
CA PHE D 117 13.14 -30.81 23.41
C PHE D 117 12.09 -31.89 23.13
N PRO D 118 12.40 -33.15 23.38
CA PRO D 118 11.41 -34.23 23.20
C PRO D 118 10.38 -34.20 24.31
N PRO D 119 9.24 -34.87 24.14
CA PRO D 119 8.31 -35.03 25.27
C PRO D 119 8.93 -35.89 26.35
N SER D 120 8.57 -35.59 27.60
CA SER D 120 9.04 -36.40 28.71
C SER D 120 8.26 -37.71 28.77
N ASP D 121 8.87 -38.72 29.40
CA ASP D 121 8.19 -39.99 29.61
C ASP D 121 6.96 -39.83 30.49
N GLU D 122 7.01 -38.90 31.44
CA GLU D 122 5.87 -38.66 32.31
C GLU D 122 4.67 -38.16 31.53
N GLN D 123 4.88 -37.26 30.57
CA GLN D 123 3.75 -36.75 29.81
C GLN D 123 3.08 -37.84 28.98
N LEU D 124 3.89 -38.73 28.38
CA LEU D 124 3.33 -39.76 27.51
C LEU D 124 2.26 -40.58 28.22
N LYS D 125 2.44 -40.83 29.53
CA LYS D 125 1.43 -41.57 30.28
C LYS D 125 0.07 -40.88 30.27
N SER D 126 0.03 -39.56 30.10
CA SER D 126 -1.23 -38.84 30.04
C SER D 126 -1.91 -38.98 28.67
N GLY D 127 -1.24 -39.56 27.68
CA GLY D 127 -1.80 -39.73 26.36
C GLY D 127 -1.45 -38.66 25.35
N THR D 128 -0.67 -37.65 25.74
CA THR D 128 -0.34 -36.53 24.86
C THR D 128 1.17 -36.34 24.85
N ALA D 129 1.70 -35.88 23.72
CA ALA D 129 3.11 -35.59 23.55
C ALA D 129 3.32 -34.14 23.12
N SER D 130 4.15 -33.41 23.85
CA SER D 130 4.51 -32.04 23.52
C SER D 130 5.96 -31.98 23.10
N VAL D 131 6.22 -31.42 21.92
CA VAL D 131 7.58 -31.25 21.40
C VAL D 131 7.83 -29.75 21.33
N VAL D 132 8.93 -29.29 21.92
CA VAL D 132 9.16 -27.86 22.07
C VAL D 132 10.41 -27.46 21.30
N CYS D 133 10.29 -26.40 20.51
CA CYS D 133 11.40 -25.77 19.81
C CYS D 133 11.59 -24.38 20.39
N LEU D 134 12.82 -24.06 20.77
CA LEU D 134 13.14 -22.81 21.47
C LEU D 134 14.08 -21.95 20.62
N LEU D 135 13.72 -20.69 20.44
CA LEU D 135 14.56 -19.70 19.77
C LEU D 135 14.91 -18.61 20.78
N ASN D 136 16.18 -18.52 21.18
CA ASN D 136 16.61 -17.59 22.23
C ASN D 136 17.28 -16.34 21.65
N ASN D 137 16.83 -15.17 22.10
CA ASN D 137 17.54 -13.89 22.00
C ASN D 137 17.89 -13.51 20.55
N PHE D 138 16.86 -13.27 19.75
CA PHE D 138 17.06 -12.89 18.36
C PHE D 138 16.45 -11.53 18.05
N TYR D 139 16.96 -10.92 16.97
CA TYR D 139 16.47 -9.63 16.45
C TYR D 139 16.79 -9.61 14.96
N PRO D 140 15.85 -9.19 14.08
CA PRO D 140 14.49 -8.68 14.33
C PRO D 140 13.48 -9.74 14.69
N ARG D 141 12.23 -9.30 14.89
CA ARG D 141 11.18 -10.18 15.37
C ARG D 141 10.80 -11.27 14.37
N GLU D 142 10.89 -10.99 13.07
CA GLU D 142 10.41 -11.93 12.06
C GLU D 142 11.22 -13.23 12.08
N ALA D 143 10.53 -14.36 12.29
CA ALA D 143 11.15 -15.67 12.28
C ALA D 143 10.10 -16.70 11.86
N LYS D 144 10.56 -17.72 11.15
CA LYS D 144 9.68 -18.81 10.73
C LYS D 144 10.17 -20.07 11.41
N VAL D 145 9.25 -20.82 12.02
CA VAL D 145 9.53 -22.11 12.62
C VAL D 145 8.64 -23.14 11.94
N GLN D 146 9.26 -24.14 11.34
CA GLN D 146 8.51 -25.19 10.65
C GLN D 146 8.84 -26.53 11.29
N TRP D 147 7.80 -27.32 11.56
CA TRP D 147 7.93 -28.64 12.14
C TRP D 147 7.85 -29.70 11.05
N LYS D 148 8.75 -30.69 11.14
CA LYS D 148 8.74 -31.83 10.25
C LYS D 148 8.79 -33.10 11.08
N VAL D 149 7.92 -34.05 10.76
CA VAL D 149 7.85 -35.35 11.44
C VAL D 149 8.11 -36.41 10.37
N ASP D 150 9.28 -37.06 10.46
CA ASP D 150 9.75 -37.97 9.42
C ASP D 150 9.66 -37.32 8.05
N ASN D 151 10.18 -36.10 7.95
CA ASN D 151 10.27 -35.27 6.75
C ASN D 151 8.92 -34.72 6.29
N ALA D 152 7.83 -35.00 6.99
CA ALA D 152 6.51 -34.50 6.59
C ALA D 152 6.25 -33.17 7.28
N LEU D 153 6.02 -32.13 6.49
CA LEU D 153 5.81 -30.80 7.05
C LEU D 153 4.48 -30.75 7.80
N GLN D 154 4.53 -30.29 9.05
CA GLN D 154 3.35 -30.20 9.89
C GLN D 154 2.64 -28.86 9.71
N SER D 155 1.32 -28.89 9.86
CA SER D 155 0.55 -27.66 9.84
C SER D 155 -0.68 -27.84 10.73
N GLY D 156 -1.00 -26.79 11.48
CA GLY D 156 -2.21 -26.76 12.28
C GLY D 156 -2.10 -27.34 13.67
N ASN D 157 -0.98 -27.96 14.03
CA ASN D 157 -0.85 -28.64 15.31
C ASN D 157 0.25 -28.06 16.19
N SER D 158 0.56 -26.78 16.00
CA SER D 158 1.58 -26.13 16.83
C SER D 158 1.08 -24.74 17.21
N GLN D 159 1.58 -24.25 18.36
CA GLN D 159 1.32 -22.90 18.86
C GLN D 159 2.64 -22.24 19.24
N GLU D 160 2.75 -20.94 18.95
CA GLU D 160 3.92 -20.13 19.23
C GLU D 160 3.63 -19.12 20.33
N SER D 161 4.67 -18.79 21.11
CA SER D 161 4.60 -17.75 22.12
C SER D 161 5.89 -16.97 22.06
N VAL D 162 5.80 -15.64 22.06
CA VAL D 162 6.99 -14.78 21.93
C VAL D 162 7.02 -13.82 23.12
N THR D 163 8.21 -13.59 23.65
CA THR D 163 8.38 -12.61 24.72
C THR D 163 8.26 -11.18 24.17
N GLU D 164 7.99 -10.25 25.06
CA GLU D 164 8.13 -8.84 24.69
C GLU D 164 9.60 -8.52 24.46
N GLN D 165 9.84 -7.53 23.61
CA GLN D 165 11.21 -7.10 23.34
C GLN D 165 11.92 -6.76 24.65
N ASP D 166 13.05 -7.42 24.89
CA ASP D 166 13.70 -7.38 26.19
C ASP D 166 14.14 -5.96 26.54
N SER D 167 13.85 -5.53 27.77
CA SER D 167 14.18 -4.16 28.19
C SER D 167 15.69 -3.91 28.18
N LYS D 168 16.50 -4.94 28.43
CA LYS D 168 17.95 -4.80 28.51
C LYS D 168 18.63 -4.97 27.15
N ASP D 169 18.42 -6.11 26.49
CA ASP D 169 19.19 -6.43 25.29
C ASP D 169 18.41 -6.26 23.99
N SER D 170 17.13 -5.86 24.07
CA SER D 170 16.31 -5.51 22.92
C SER D 170 16.04 -6.68 21.97
N THR D 171 16.20 -7.92 22.44
CA THR D 171 15.93 -9.11 21.63
C THR D 171 14.59 -9.72 22.00
N TYR D 172 14.16 -10.68 21.16
CA TYR D 172 12.97 -11.48 21.36
C TYR D 172 13.39 -12.92 21.62
N SER D 173 12.54 -13.67 22.30
CA SER D 173 12.68 -15.11 22.38
C SER D 173 11.34 -15.74 22.04
N LEU D 174 11.37 -16.97 21.53
CA LEU D 174 10.16 -17.58 21.02
C LEU D 174 10.15 -19.07 21.32
N SER D 175 8.99 -19.60 21.69
CA SER D 175 8.76 -21.02 21.83
C SER D 175 7.66 -21.47 20.87
N SER D 176 7.88 -22.59 20.20
CA SER D 176 6.87 -23.24 19.38
C SER D 176 6.65 -24.64 19.92
N THR D 177 5.39 -24.99 20.18
CA THR D 177 5.05 -26.28 20.79
C THR D 177 4.18 -27.07 19.82
N LEU D 178 4.69 -28.22 19.42
CA LEU D 178 3.98 -29.19 18.59
C LEU D 178 3.29 -30.21 19.49
N THR D 179 1.97 -30.39 19.31
CA THR D 179 1.20 -31.25 20.19
C THR D 179 0.60 -32.41 19.40
N LEU D 180 0.93 -33.64 19.81
CA LEU D 180 0.46 -34.87 19.19
C LEU D 180 -0.16 -35.76 20.26
N SER D 181 -1.07 -36.64 19.84
CA SER D 181 -1.42 -37.73 20.72
C SER D 181 -0.23 -38.68 20.87
N LYS D 182 -0.23 -39.42 21.98
CA LYS D 182 0.81 -40.42 22.22
C LYS D 182 0.85 -41.45 21.09
N ALA D 183 -0.32 -41.85 20.60
CA ALA D 183 -0.38 -42.81 19.50
C ALA D 183 0.28 -42.24 18.25
N ASP D 184 -0.06 -41.00 17.90
CA ASP D 184 0.56 -40.36 16.73
C ASP D 184 2.05 -40.17 16.94
N TYR D 185 2.47 -39.80 18.15
CA TYR D 185 3.89 -39.57 18.42
C TYR D 185 4.69 -40.84 18.21
N GLU D 186 4.22 -41.96 18.75
CA GLU D 186 4.99 -43.19 18.73
C GLU D 186 5.03 -43.86 17.37
N LYS D 187 4.32 -43.32 16.38
CA LYS D 187 4.29 -43.89 15.04
C LYS D 187 5.25 -43.22 14.08
N HIS D 188 6.22 -42.47 14.61
CA HIS D 188 7.21 -41.78 13.79
C HIS D 188 8.53 -41.71 14.53
N LYS D 189 9.61 -41.53 13.77
CA LYS D 189 10.97 -41.55 14.32
C LYS D 189 11.59 -40.16 14.50
N VAL D 190 11.63 -39.36 13.43
CA VAL D 190 12.47 -38.15 13.39
C VAL D 190 11.59 -36.92 13.60
N TYR D 191 11.93 -36.13 14.61
CA TYR D 191 11.23 -34.89 14.93
C TYR D 191 12.19 -33.73 14.77
N ALA D 192 11.80 -32.72 13.99
CA ALA D 192 12.70 -31.64 13.66
C ALA D 192 11.97 -30.32 13.60
N CYS D 193 12.61 -29.25 14.06
CA CYS D 193 12.13 -27.92 13.79
C CYS D 193 13.17 -27.16 12.98
N GLU D 194 12.71 -26.46 11.96
CA GLU D 194 13.54 -25.68 11.06
C GLU D 194 13.27 -24.20 11.30
N VAL D 195 14.35 -23.45 11.54
CA VAL D 195 14.24 -22.04 11.89
C VAL D 195 14.86 -21.20 10.79
N THR D 196 14.09 -20.26 10.26
CA THR D 196 14.55 -19.26 9.31
C THR D 196 14.56 -17.89 9.97
N HIS D 197 15.66 -17.15 9.77
CA HIS D 197 15.83 -15.84 10.40
C HIS D 197 16.92 -15.09 9.65
N GLN D 198 16.79 -13.76 9.64
CA GLN D 198 17.75 -12.89 8.95
C GLN D 198 19.19 -13.11 9.41
N GLY D 199 19.39 -13.47 10.67
CA GLY D 199 20.73 -13.65 11.20
C GLY D 199 21.40 -14.96 10.83
N LEU D 200 20.67 -15.87 10.18
CA LEU D 200 21.21 -17.15 9.75
C LEU D 200 21.36 -17.15 8.23
N SER D 201 22.56 -17.54 7.75
CA SER D 201 22.81 -17.56 6.30
C SER D 201 21.84 -18.47 5.58
N SER D 202 21.41 -19.56 6.23
CA SER D 202 20.31 -20.38 5.72
C SER D 202 19.68 -21.06 6.92
N PRO D 203 18.50 -21.66 6.76
CA PRO D 203 17.78 -22.18 7.93
C PRO D 203 18.59 -23.20 8.73
N VAL D 204 18.37 -23.18 10.04
CA VAL D 204 18.99 -24.10 10.98
C VAL D 204 17.92 -25.11 11.41
N THR D 205 18.26 -26.39 11.43
CA THR D 205 17.35 -27.47 11.84
C THR D 205 17.92 -28.20 13.05
N LYS D 206 17.11 -28.33 14.10
CA LYS D 206 17.45 -29.15 15.25
C LYS D 206 16.52 -30.36 15.27
N SER D 207 17.08 -31.53 15.56
CA SER D 207 16.36 -32.79 15.38
C SER D 207 16.63 -33.72 16.54
N PHE D 208 15.71 -34.67 16.74
CA PHE D 208 16.00 -35.83 17.58
C PHE D 208 15.26 -37.04 17.01
N ASN D 209 15.74 -38.23 17.40
CA ASN D 209 15.12 -39.50 17.04
C ASN D 209 14.41 -40.05 18.26
N ARG D 210 13.12 -40.37 18.10
CA ARG D 210 12.32 -40.85 19.21
C ARG D 210 12.99 -42.06 19.87
N GLY D 211 12.99 -42.06 21.21
CA GLY D 211 13.60 -43.14 21.97
C GLY D 211 15.09 -43.23 21.78
#